data_9F36
#
_entry.id   9F36
#
_cell.length_a   82.989
_cell.length_b   150.767
_cell.length_c   67.335
_cell.angle_alpha   90
_cell.angle_beta   90
_cell.angle_gamma   90
#
_symmetry.space_group_name_H-M   'P 21 21 2'
#
loop_
_entity.id
_entity.type
_entity.pdbx_description
1 polymer 'Arbitrium receptor from ATCC13952 phage'
2 non-polymer 'PHOSPHATE ION'
3 water water
#
_entity_poly.entity_id   1
_entity_poly.type   'polypeptide(L)'
_entity_poly.pdbx_seq_one_letter_code
;MELIRIAMRKDLENDKSLMSKWAAVAGLKNPNPLYDFLNHDGKTFSEFNSIVNIVKTHYPDQEYELMENYCLLLDPNTKA
ARSALEYADANSFNTLTDKLVEKMSIASNLKSKEYGKIYEIHRKLSRGEIDVLEASKNIGKYRIKTDEMNIFSKMIPMYD
YLSKGNFSPMKSLLKQIDLNDIKENNYLKKSFETRIYVLLSNIYLNENELELSRKYAEKAIKSTDTKRFLVFSYLTIGTS
YIFSDYALSKQNYLSGYEIAKGNSVFEEFFKRNLSFLNNFWNKENPWINYDSNAVTDVQEVIFELINQKKLERALTLLKS
LERKKQNENDLGFHYYLEGLITNDKEAFYKSVEYFKLSQDKLFIKMPLIKLESLGENPRLLKIISM
;
_entity_poly.pdbx_strand_id   A,B
#
loop_
_chem_comp.id
_chem_comp.type
_chem_comp.name
_chem_comp.formula
PO4 non-polymer 'PHOSPHATE ION' 'O4 P -3'
#
# COMPACT_ATOMS: atom_id res chain seq x y z
N PHE A 45 -29.69 6.83 -23.54
CA PHE A 45 -30.04 8.27 -23.40
C PHE A 45 -30.31 8.57 -21.93
N SER A 46 -29.67 9.65 -21.43
CA SER A 46 -29.83 10.12 -20.07
C SER A 46 -30.40 11.54 -20.14
N GLU A 47 -31.50 11.84 -19.44
CA GLU A 47 -32.06 13.20 -19.44
C GLU A 47 -31.18 14.11 -18.58
N PHE A 48 -30.67 13.61 -17.45
CA PHE A 48 -29.75 14.34 -16.61
C PHE A 48 -28.50 14.80 -17.36
N ASN A 49 -27.84 13.88 -18.04
CA ASN A 49 -26.63 14.21 -18.79
C ASN A 49 -26.94 15.27 -19.86
N SER A 50 -28.12 15.18 -20.46
CA SER A 50 -28.57 16.14 -21.47
C SER A 50 -28.73 17.55 -20.87
N ILE A 51 -29.32 17.66 -19.67
CA ILE A 51 -29.52 18.94 -18.99
C ILE A 51 -28.18 19.57 -18.64
N VAL A 52 -27.29 18.80 -18.01
CA VAL A 52 -25.97 19.27 -17.60
C VAL A 52 -25.26 19.87 -18.80
N ASN A 53 -25.29 19.15 -19.93
CA ASN A 53 -24.61 19.62 -21.14
C ASN A 53 -25.21 20.93 -21.62
N ILE A 54 -26.55 21.05 -21.61
CA ILE A 54 -27.22 22.29 -21.98
C ILE A 54 -26.77 23.44 -21.05
N VAL A 55 -26.71 23.20 -19.74
CA VAL A 55 -26.34 24.25 -18.80
C VAL A 55 -24.86 24.61 -18.99
N LYS A 56 -23.99 23.61 -19.18
CA LYS A 56 -22.56 23.88 -19.33
C LYS A 56 -22.29 24.70 -20.60
N THR A 57 -22.95 24.37 -21.72
CA THR A 57 -22.67 25.02 -22.98
C THR A 57 -23.35 26.40 -23.04
N HIS A 58 -24.58 26.55 -22.51
CA HIS A 58 -25.34 27.80 -22.68
C HIS A 58 -25.27 28.75 -21.49
N TYR A 59 -25.12 28.28 -20.23
CA TYR A 59 -25.09 29.15 -19.05
C TYR A 59 -23.95 28.71 -18.11
N PRO A 60 -22.70 28.66 -18.60
CA PRO A 60 -21.58 28.19 -17.78
C PRO A 60 -21.39 28.97 -16.47
N ASP A 61 -21.68 30.27 -16.49
CA ASP A 61 -21.44 31.10 -15.33
C ASP A 61 -22.49 30.90 -14.26
N GLN A 62 -23.65 30.32 -14.64
CA GLN A 62 -24.76 30.09 -13.72
C GLN A 62 -24.92 28.59 -13.43
N GLU A 63 -23.87 27.79 -13.69
CA GLU A 63 -23.99 26.34 -13.65
C GLU A 63 -24.50 25.90 -12.29
N TYR A 64 -23.86 26.35 -11.20
CA TYR A 64 -24.23 25.87 -9.87
C TYR A 64 -25.67 26.26 -9.55
N GLU A 65 -26.06 27.51 -9.85
CA GLU A 65 -27.35 28.08 -9.42
C GLU A 65 -28.50 27.39 -10.17
N LEU A 66 -28.26 27.01 -11.43
CA LEU A 66 -29.25 26.26 -12.20
C LEU A 66 -29.32 24.80 -11.75
N MET A 67 -28.16 24.13 -11.62
CA MET A 67 -28.13 22.70 -11.36
C MET A 67 -28.57 22.36 -9.93
N GLU A 68 -28.15 23.15 -8.94
CA GLU A 68 -28.59 22.98 -7.55
C GLU A 68 -30.10 22.85 -7.48
N ASN A 69 -30.82 23.81 -8.06
CA ASN A 69 -32.28 23.86 -8.06
C ASN A 69 -32.82 22.59 -8.72
N TYR A 70 -32.28 22.25 -9.90
CA TYR A 70 -32.75 21.12 -10.69
C TYR A 70 -32.48 19.78 -9.97
N CYS A 71 -31.25 19.56 -9.47
CA CYS A 71 -30.91 18.37 -8.70
C CYS A 71 -31.85 18.13 -7.52
N LEU A 72 -32.22 19.19 -6.78
CA LEU A 72 -33.07 19.09 -5.61
C LEU A 72 -34.54 18.91 -5.94
N LEU A 73 -34.96 19.08 -7.20
CA LEU A 73 -36.34 18.80 -7.61
C LEU A 73 -36.51 17.37 -8.10
N LEU A 74 -35.41 16.63 -8.32
CA LEU A 74 -35.50 15.24 -8.77
C LEU A 74 -36.01 14.36 -7.64
N ASP A 75 -36.85 13.37 -8.01
CA ASP A 75 -37.33 12.39 -7.05
C ASP A 75 -36.11 11.57 -6.64
N PRO A 76 -35.84 11.41 -5.32
CA PRO A 76 -34.69 10.62 -4.87
C PRO A 76 -34.59 9.16 -5.29
N ASN A 77 -35.70 8.56 -5.75
CA ASN A 77 -35.76 7.16 -6.16
C ASN A 77 -35.37 6.95 -7.64
N THR A 78 -35.04 8.03 -8.36
CA THR A 78 -34.86 7.97 -9.80
C THR A 78 -33.38 7.84 -10.14
N LYS A 79 -33.12 7.31 -11.34
CA LYS A 79 -31.80 7.29 -11.93
C LYS A 79 -31.17 8.68 -11.98
N ALA A 80 -31.95 9.69 -12.36
CA ALA A 80 -31.45 11.05 -12.47
C ALA A 80 -30.93 11.58 -11.13
N ALA A 81 -31.64 11.26 -10.05
CA ALA A 81 -31.24 11.70 -8.72
C ALA A 81 -29.90 11.07 -8.36
N ARG A 82 -29.71 9.82 -8.78
CA ARG A 82 -28.48 9.10 -8.52
C ARG A 82 -27.32 9.79 -9.23
N SER A 83 -27.51 10.07 -10.52
CA SER A 83 -26.48 10.74 -11.31
C SER A 83 -26.16 12.09 -10.69
N ALA A 84 -27.20 12.78 -10.22
CA ALA A 84 -27.04 14.08 -9.58
C ALA A 84 -26.10 13.97 -8.40
N LEU A 85 -26.21 12.87 -7.64
CA LEU A 85 -25.33 12.61 -6.50
C LEU A 85 -23.86 12.61 -6.92
N GLU A 86 -23.53 11.88 -8.00
CA GLU A 86 -22.18 11.88 -8.52
C GLU A 86 -21.78 13.25 -9.08
N TYR A 87 -22.65 13.89 -9.86
CA TYR A 87 -22.42 15.23 -10.38
C TYR A 87 -22.07 16.18 -9.23
N ALA A 88 -22.87 16.21 -8.16
CA ALA A 88 -22.62 17.06 -7.00
C ALA A 88 -21.25 16.74 -6.36
N ASP A 89 -20.97 15.44 -6.09
CA ASP A 89 -19.74 15.08 -5.41
C ASP A 89 -18.52 15.28 -6.31
N ALA A 90 -18.61 14.92 -7.58
CA ALA A 90 -17.48 15.13 -8.47
C ALA A 90 -17.12 16.60 -8.59
N ASN A 91 -18.08 17.51 -8.41
CA ASN A 91 -17.83 18.93 -8.49
C ASN A 91 -17.42 19.52 -7.14
N SER A 92 -17.48 18.73 -6.04
CA SER A 92 -17.29 19.20 -4.67
C SER A 92 -18.28 20.31 -4.32
N PHE A 93 -19.54 20.12 -4.73
CA PHE A 93 -20.66 20.87 -4.21
C PHE A 93 -21.12 20.16 -2.94
N ASN A 94 -20.46 20.49 -1.83
CA ASN A 94 -20.61 19.75 -0.59
C ASN A 94 -22.02 19.87 -0.01
N THR A 95 -22.56 21.09 0.13
CA THR A 95 -23.88 21.29 0.74
C THR A 95 -24.95 20.60 -0.11
N LEU A 96 -24.77 20.58 -1.45
CA LEU A 96 -25.69 19.89 -2.34
C LEU A 96 -25.60 18.37 -2.16
N THR A 97 -24.37 17.83 -2.24
CA THR A 97 -24.10 16.41 -2.02
C THR A 97 -24.80 15.96 -0.74
N ASP A 98 -24.61 16.72 0.36
CA ASP A 98 -25.15 16.36 1.66
C ASP A 98 -26.67 16.44 1.68
N LYS A 99 -27.27 17.41 0.97
CA LYS A 99 -28.73 17.47 0.88
C LYS A 99 -29.29 16.26 0.14
N LEU A 100 -28.58 15.84 -0.94
CA LEU A 100 -28.97 14.68 -1.72
C LEU A 100 -28.81 13.39 -0.90
N VAL A 101 -27.71 13.29 -0.14
CA VAL A 101 -27.49 12.15 0.73
C VAL A 101 -28.63 12.03 1.74
N GLU A 102 -28.97 13.14 2.42
CA GLU A 102 -30.04 13.14 3.41
C GLU A 102 -31.35 12.57 2.84
N LYS A 103 -31.67 12.87 1.58
CA LYS A 103 -32.91 12.41 0.97
C LYS A 103 -32.80 10.92 0.56
N MET A 104 -31.63 10.57 -0.02
CA MET A 104 -31.48 9.30 -0.72
C MET A 104 -31.20 8.18 0.27
N SER A 105 -30.40 8.44 1.33
CA SER A 105 -30.25 7.56 2.48
C SER A 105 -31.54 6.88 2.92
N ILE A 106 -32.68 7.61 2.90
CA ILE A 106 -33.95 7.11 3.41
C ILE A 106 -34.98 6.84 2.30
N ALA A 107 -34.54 6.87 1.04
CA ALA A 107 -35.39 6.52 -0.09
C ALA A 107 -35.71 5.03 -0.07
N SER A 108 -36.82 4.66 -0.70
CA SER A 108 -37.28 3.27 -0.76
C SER A 108 -36.61 2.52 -1.92
N ASN A 109 -36.16 3.22 -2.97
CA ASN A 109 -35.46 2.56 -4.06
C ASN A 109 -34.16 2.00 -3.50
N LEU A 110 -33.89 0.72 -3.76
CA LEU A 110 -32.75 0.05 -3.16
C LEU A 110 -31.47 0.63 -3.69
N LYS A 111 -31.39 0.89 -4.99
CA LYS A 111 -30.20 1.48 -5.57
C LYS A 111 -29.90 2.87 -4.98
N SER A 112 -30.94 3.72 -4.88
CA SER A 112 -30.79 5.07 -4.32
C SER A 112 -30.32 5.02 -2.88
N LYS A 113 -30.97 4.17 -2.07
CA LYS A 113 -30.62 3.94 -0.67
C LYS A 113 -29.12 3.60 -0.60
N GLU A 114 -28.65 2.76 -1.52
CA GLU A 114 -27.29 2.24 -1.47
C GLU A 114 -26.33 3.37 -1.84
N TYR A 115 -26.62 4.11 -2.91
CA TYR A 115 -25.80 5.27 -3.24
C TYR A 115 -25.75 6.24 -2.06
N GLY A 116 -26.89 6.54 -1.46
CA GLY A 116 -26.98 7.42 -0.30
C GLY A 116 -26.06 7.01 0.85
N LYS A 117 -26.10 5.73 1.24
CA LYS A 117 -25.32 5.23 2.37
C LYS A 117 -23.82 5.26 2.12
N ILE A 118 -23.40 4.98 0.88
CA ILE A 118 -21.99 4.90 0.55
C ILE A 118 -21.39 6.31 0.36
N TYR A 119 -22.12 7.20 -0.33
CA TYR A 119 -21.72 8.60 -0.39
C TYR A 119 -21.72 9.21 1.02
N GLU A 120 -22.66 8.81 1.89
CA GLU A 120 -22.67 9.25 3.29
C GLU A 120 -21.34 8.96 3.96
N ILE A 121 -20.80 7.74 3.76
CA ILE A 121 -19.54 7.34 4.38
C ILE A 121 -18.39 8.15 3.76
N HIS A 122 -18.34 8.24 2.43
CA HIS A 122 -17.44 9.13 1.71
C HIS A 122 -17.42 10.54 2.30
N ARG A 123 -18.60 11.10 2.58
CA ARG A 123 -18.71 12.49 3.00
C ARG A 123 -18.23 12.64 4.44
N LYS A 124 -18.68 11.74 5.33
CA LYS A 124 -18.16 11.66 6.69
C LYS A 124 -16.62 11.61 6.72
N LEU A 125 -16.01 10.79 5.84
CA LEU A 125 -14.56 10.67 5.77
C LEU A 125 -13.93 11.96 5.27
N SER A 126 -14.51 12.55 4.23
CA SER A 126 -13.97 13.75 3.60
C SER A 126 -14.03 14.97 4.52
N ARG A 127 -15.11 15.09 5.32
CA ARG A 127 -15.25 16.12 6.33
C ARG A 127 -14.40 15.85 7.58
N GLY A 128 -13.89 14.63 7.76
CA GLY A 128 -13.06 14.29 8.91
C GLY A 128 -13.89 14.03 10.17
N GLU A 129 -15.19 13.74 10.03
CA GLU A 129 -16.02 13.33 11.15
C GLU A 129 -15.72 11.89 11.55
N ILE A 130 -15.03 11.16 10.68
CA ILE A 130 -14.61 9.79 10.94
C ILE A 130 -13.27 9.56 10.29
N ASP A 131 -12.62 8.47 10.65
CA ASP A 131 -11.33 8.15 10.09
C ASP A 131 -11.46 6.97 9.15
N VAL A 132 -10.45 6.76 8.34
CA VAL A 132 -10.49 5.70 7.34
C VAL A 132 -10.78 4.31 7.84
N LEU A 133 -10.31 3.97 9.02
CA LEU A 133 -10.57 2.67 9.59
C LEU A 133 -12.04 2.50 9.88
N GLU A 134 -12.70 3.54 10.33
CA GLU A 134 -14.11 3.41 10.59
C GLU A 134 -14.92 3.43 9.29
N ALA A 135 -14.38 4.07 8.28
CA ALA A 135 -15.04 4.14 7.01
C ALA A 135 -15.12 2.76 6.47
N SER A 136 -13.99 2.07 6.45
CA SER A 136 -13.92 0.70 5.96
C SER A 136 -14.79 -0.25 6.74
N LYS A 137 -14.84 -0.06 8.05
CA LYS A 137 -15.67 -0.85 8.89
C LYS A 137 -17.09 -0.68 8.42
N ASN A 138 -17.54 0.55 8.26
CA ASN A 138 -18.89 0.78 7.81
C ASN A 138 -19.20 0.25 6.42
N ILE A 139 -18.23 0.27 5.54
CA ILE A 139 -18.45 -0.25 4.22
C ILE A 139 -18.72 -1.74 4.35
N GLY A 140 -17.87 -2.43 5.09
CA GLY A 140 -18.02 -3.86 5.36
C GLY A 140 -19.41 -4.23 5.88
N LYS A 141 -19.97 -3.39 6.76
CA LYS A 141 -21.24 -3.65 7.40
C LYS A 141 -22.39 -3.61 6.39
N TYR A 142 -22.23 -2.80 5.33
CA TYR A 142 -23.26 -2.64 4.32
C TYR A 142 -23.08 -3.72 3.24
N ARG A 143 -24.20 -4.27 2.77
CA ARG A 143 -24.23 -5.28 1.73
C ARG A 143 -24.41 -4.58 0.38
N ILE A 144 -23.32 -4.51 -0.41
CA ILE A 144 -23.27 -3.70 -1.62
C ILE A 144 -23.64 -4.58 -2.81
N LYS A 145 -24.77 -4.25 -3.44
CA LYS A 145 -25.30 -4.93 -4.60
C LYS A 145 -24.80 -4.35 -5.94
N THR A 146 -24.62 -3.04 -6.08
CA THR A 146 -24.34 -2.45 -7.39
C THR A 146 -22.84 -2.53 -7.68
N ASP A 147 -22.52 -2.66 -8.96
CA ASP A 147 -21.15 -2.59 -9.45
C ASP A 147 -20.54 -1.21 -9.17
N GLU A 148 -21.35 -0.18 -9.32
CA GLU A 148 -20.94 1.19 -9.11
C GLU A 148 -20.46 1.47 -7.73
N MET A 149 -21.22 1.05 -6.74
CA MET A 149 -20.84 1.31 -5.38
C MET A 149 -19.79 0.36 -4.87
N ASN A 150 -19.68 -0.80 -5.51
CA ASN A 150 -18.66 -1.75 -5.15
C ASN A 150 -17.36 -1.11 -5.52
N ILE A 151 -17.28 -0.56 -6.71
CA ILE A 151 -16.09 0.11 -7.16
C ILE A 151 -15.86 1.40 -6.39
N PHE A 152 -16.90 2.15 -6.09
CA PHE A 152 -16.75 3.38 -5.36
C PHE A 152 -16.21 3.08 -3.97
N SER A 153 -16.80 2.13 -3.30
CA SER A 153 -16.31 1.61 -2.01
C SER A 153 -14.80 1.56 -1.92
N LYS A 154 -14.19 0.99 -2.96
CA LYS A 154 -12.74 0.81 -3.01
C LYS A 154 -12.06 2.16 -3.11
N MET A 155 -12.65 3.11 -3.86
CA MET A 155 -12.05 4.42 -4.06
C MET A 155 -12.14 5.31 -2.80
N ILE A 156 -13.12 5.09 -1.92
CA ILE A 156 -13.35 5.97 -0.78
C ILE A 156 -12.09 6.07 0.08
N PRO A 157 -11.53 4.94 0.63
CA PRO A 157 -10.27 4.99 1.38
C PRO A 157 -9.15 5.69 0.64
N MET A 158 -9.06 5.47 -0.67
CA MET A 158 -8.00 6.03 -1.50
C MET A 158 -7.90 7.54 -1.39
N TYR A 159 -9.03 8.27 -1.25
CA TYR A 159 -9.00 9.72 -1.12
C TYR A 159 -8.32 10.14 0.18
N ASP A 160 -8.49 9.34 1.24
CA ASP A 160 -7.81 9.57 2.52
C ASP A 160 -6.35 9.13 2.45
N TYR A 161 -6.10 7.88 2.03
CA TYR A 161 -4.76 7.32 1.92
C TYR A 161 -3.88 8.17 1.00
N LEU A 162 -4.43 8.69 -0.10
CA LEU A 162 -3.69 9.58 -0.99
C LEU A 162 -3.29 10.88 -0.27
N SER A 163 -4.22 11.42 0.53
CA SER A 163 -4.02 12.70 1.20
C SER A 163 -2.80 12.69 2.14
N LYS A 164 -2.47 11.51 2.73
CA LYS A 164 -1.40 11.34 3.70
C LYS A 164 -0.30 10.34 3.29
N GLY A 165 -0.21 9.90 2.01
CA GLY A 165 0.94 9.20 1.47
C GLY A 165 0.96 7.68 1.69
N ASN A 166 0.10 6.94 0.95
CA ASN A 166 0.23 5.49 0.71
C ASN A 166 -0.17 5.22 -0.75
N PHE A 167 0.77 4.75 -1.61
CA PHE A 167 0.64 4.88 -3.05
C PHE A 167 0.59 3.52 -3.75
N SER A 168 1.65 2.70 -3.61
CA SER A 168 1.88 1.51 -4.43
C SER A 168 0.71 0.51 -4.47
N PRO A 169 0.04 0.17 -3.35
CA PRO A 169 -0.98 -0.89 -3.38
C PRO A 169 -2.31 -0.50 -4.03
N MET A 170 -2.72 0.75 -3.75
CA MET A 170 -3.94 1.33 -4.29
C MET A 170 -3.78 1.56 -5.81
N LYS A 171 -2.58 1.93 -6.27
CA LYS A 171 -2.31 2.00 -7.69
C LYS A 171 -2.71 0.71 -8.41
N SER A 172 -2.26 -0.42 -7.87
CA SER A 172 -2.59 -1.72 -8.43
C SER A 172 -4.11 -1.96 -8.50
N LEU A 173 -4.83 -1.55 -7.43
CA LEU A 173 -6.27 -1.67 -7.37
C LEU A 173 -6.95 -0.81 -8.45
N LEU A 174 -6.51 0.45 -8.64
CA LEU A 174 -7.09 1.35 -9.63
C LEU A 174 -6.99 0.81 -11.06
N LYS A 175 -5.83 0.21 -11.40
CA LYS A 175 -5.62 -0.40 -12.72
C LYS A 175 -6.47 -1.66 -12.88
N GLN A 176 -6.80 -2.34 -11.77
CA GLN A 176 -7.62 -3.55 -11.78
C GLN A 176 -9.09 -3.25 -12.07
N ILE A 177 -9.58 -2.07 -11.65
CA ILE A 177 -10.97 -1.68 -11.84
C ILE A 177 -11.29 -1.69 -13.33
N ASP A 178 -12.36 -2.39 -13.71
CA ASP A 178 -12.90 -2.35 -15.06
C ASP A 178 -14.26 -1.66 -15.01
N LEU A 179 -14.32 -0.42 -15.53
CA LEU A 179 -15.53 0.38 -15.48
C LEU A 179 -16.62 -0.11 -16.43
N ASN A 180 -16.28 -0.98 -17.39
CA ASN A 180 -17.28 -1.67 -18.19
C ASN A 180 -18.20 -2.55 -17.35
N ASP A 181 -17.85 -2.90 -16.10
CA ASP A 181 -18.78 -3.58 -15.20
C ASP A 181 -20.00 -2.71 -14.85
N ILE A 182 -19.89 -1.38 -14.91
CA ILE A 182 -21.02 -0.50 -14.66
C ILE A 182 -21.85 -0.46 -15.94
N LYS A 183 -22.99 -1.17 -15.93
CA LYS A 183 -23.87 -1.36 -17.06
C LYS A 183 -25.02 -0.36 -17.09
N GLU A 184 -25.39 0.22 -15.92
CA GLU A 184 -26.69 0.82 -15.69
C GLU A 184 -26.66 2.34 -15.48
N ASN A 185 -25.49 2.97 -15.50
CA ASN A 185 -25.40 4.41 -15.33
C ASN A 185 -24.12 4.91 -15.98
N ASN A 186 -24.23 5.26 -17.27
CA ASN A 186 -23.09 5.72 -18.05
C ASN A 186 -22.55 7.05 -17.52
N TYR A 187 -23.36 7.83 -16.78
CA TYR A 187 -22.92 9.10 -16.24
C TYR A 187 -21.89 8.85 -15.12
N LEU A 188 -22.21 7.94 -14.19
CA LEU A 188 -21.24 7.47 -13.20
C LEU A 188 -20.03 6.86 -13.89
N LYS A 189 -20.25 6.03 -14.92
CA LYS A 189 -19.14 5.37 -15.58
C LYS A 189 -18.13 6.40 -16.08
N LYS A 190 -18.61 7.44 -16.79
CA LYS A 190 -17.76 8.47 -17.37
C LYS A 190 -17.11 9.32 -16.28
N SER A 191 -17.85 9.64 -15.21
CA SER A 191 -17.30 10.40 -14.12
C SER A 191 -16.20 9.59 -13.40
N PHE A 192 -16.42 8.29 -13.17
CA PHE A 192 -15.46 7.44 -12.46
C PHE A 192 -14.18 7.23 -13.24
N GLU A 193 -14.28 7.11 -14.57
CA GLU A 193 -13.13 7.13 -15.46
C GLU A 193 -12.22 8.33 -15.17
N THR A 194 -12.82 9.51 -15.01
CA THR A 194 -12.06 10.72 -14.74
C THR A 194 -11.46 10.61 -13.34
N ARG A 195 -12.25 10.19 -12.35
CA ARG A 195 -11.80 10.09 -10.98
C ARG A 195 -10.54 9.22 -10.92
N ILE A 196 -10.52 8.11 -11.67
CA ILE A 196 -9.40 7.19 -11.73
C ILE A 196 -8.18 7.88 -12.35
N TYR A 197 -8.37 8.55 -13.49
CA TYR A 197 -7.26 9.22 -14.18
C TYR A 197 -6.61 10.27 -13.28
N VAL A 198 -7.40 10.95 -12.45
CA VAL A 198 -6.87 12.00 -11.60
C VAL A 198 -6.08 11.39 -10.45
N LEU A 199 -6.60 10.34 -9.82
CA LEU A 199 -5.90 9.61 -8.76
C LEU A 199 -4.56 9.07 -9.26
N LEU A 200 -4.59 8.37 -10.39
CA LEU A 200 -3.38 7.83 -10.96
C LEU A 200 -2.37 8.93 -11.20
N SER A 201 -2.82 10.01 -11.82
CA SER A 201 -2.00 11.20 -12.05
C SER A 201 -1.29 11.65 -10.79
N ASN A 202 -2.02 11.70 -9.68
CA ASN A 202 -1.51 12.22 -8.43
C ASN A 202 -0.51 11.24 -7.81
N ILE A 203 -0.82 9.93 -7.88
CA ILE A 203 0.09 8.89 -7.43
C ILE A 203 1.43 9.00 -8.17
N TYR A 204 1.38 9.02 -9.50
CA TYR A 204 2.58 9.04 -10.32
C TYR A 204 3.42 10.31 -10.07
N LEU A 205 2.78 11.45 -9.78
CA LEU A 205 3.50 12.65 -9.44
C LEU A 205 4.32 12.44 -8.16
N ASN A 206 3.70 11.83 -7.15
CA ASN A 206 4.35 11.69 -5.86
C ASN A 206 5.46 10.65 -5.94
N GLU A 207 5.34 9.64 -6.83
CA GLU A 207 6.42 8.72 -7.13
C GLU A 207 7.48 9.30 -8.07
N ASN A 208 7.39 10.57 -8.45
CA ASN A 208 8.35 11.22 -9.35
C ASN A 208 8.39 10.47 -10.68
N GLU A 209 7.20 10.09 -11.14
CA GLU A 209 6.99 9.44 -12.42
C GLU A 209 6.24 10.46 -13.27
N LEU A 210 6.96 11.47 -13.73
CA LEU A 210 6.36 12.69 -14.23
C LEU A 210 5.79 12.52 -15.64
N GLU A 211 6.41 11.69 -16.51
CA GLU A 211 5.87 11.36 -17.83
C GLU A 211 4.51 10.68 -17.66
N LEU A 212 4.45 9.70 -16.75
CA LEU A 212 3.22 8.96 -16.47
C LEU A 212 2.20 9.87 -15.80
N SER A 213 2.61 10.75 -14.89
CA SER A 213 1.69 11.67 -14.25
C SER A 213 0.99 12.56 -15.28
N ARG A 214 1.75 13.04 -16.27
CA ARG A 214 1.24 13.91 -17.31
C ARG A 214 0.27 13.12 -18.19
N LYS A 215 0.69 11.93 -18.60
CA LYS A 215 -0.15 11.07 -19.42
C LYS A 215 -1.54 10.99 -18.81
N TYR A 216 -1.64 10.68 -17.51
CA TYR A 216 -2.93 10.48 -16.86
C TYR A 216 -3.64 11.80 -16.62
N ALA A 217 -2.93 12.90 -16.37
CA ALA A 217 -3.57 14.21 -16.20
C ALA A 217 -4.21 14.68 -17.51
N GLU A 218 -3.47 14.55 -18.62
CA GLU A 218 -3.98 14.85 -19.95
C GLU A 218 -5.19 13.98 -20.31
N LYS A 219 -5.15 12.67 -20.01
CA LYS A 219 -6.29 11.81 -20.23
C LYS A 219 -7.49 12.25 -19.40
N ALA A 220 -7.27 12.68 -18.15
CA ALA A 220 -8.35 13.20 -17.31
C ALA A 220 -9.00 14.42 -17.95
N ILE A 221 -8.19 15.35 -18.49
CA ILE A 221 -8.64 16.59 -19.10
C ILE A 221 -9.53 16.28 -20.31
N LYS A 222 -9.01 15.51 -21.27
CA LYS A 222 -9.74 14.98 -22.42
C LYS A 222 -11.06 14.31 -22.02
N SER A 223 -11.09 13.62 -20.86
CA SER A 223 -12.23 12.81 -20.45
C SER A 223 -13.37 13.62 -19.84
N THR A 224 -13.19 14.90 -19.46
CA THR A 224 -14.14 15.56 -18.56
C THR A 224 -14.42 17.03 -18.92
N ASP A 225 -15.50 17.55 -18.34
CA ASP A 225 -15.80 18.97 -18.23
C ASP A 225 -16.12 19.36 -16.78
N THR A 226 -15.87 18.47 -15.81
CA THR A 226 -16.03 18.81 -14.41
C THR A 226 -14.86 19.72 -14.05
N LYS A 227 -15.20 20.94 -13.59
CA LYS A 227 -14.21 21.94 -13.25
C LYS A 227 -13.15 21.39 -12.30
N ARG A 228 -13.57 20.76 -11.19
CA ARG A 228 -12.70 20.25 -10.14
C ARG A 228 -11.63 19.29 -10.70
N PHE A 229 -12.02 18.44 -11.64
CA PHE A 229 -11.08 17.52 -12.23
C PHE A 229 -10.11 18.22 -13.17
N LEU A 230 -10.57 19.24 -13.89
CA LEU A 230 -9.68 20.03 -14.73
C LEU A 230 -8.68 20.78 -13.85
N VAL A 231 -9.14 21.33 -12.71
CA VAL A 231 -8.30 22.02 -11.78
C VAL A 231 -7.18 21.10 -11.32
N PHE A 232 -7.54 19.95 -10.74
CA PHE A 232 -6.54 19.05 -10.20
C PHE A 232 -5.62 18.53 -11.30
N SER A 233 -6.13 18.26 -12.51
CA SER A 233 -5.25 17.85 -13.60
C SER A 233 -4.20 18.90 -13.92
N TYR A 234 -4.58 20.19 -13.98
CA TYR A 234 -3.67 21.26 -14.35
C TYR A 234 -2.69 21.54 -13.20
N LEU A 235 -3.14 21.52 -11.94
CA LEU A 235 -2.24 21.54 -10.80
C LEU A 235 -1.14 20.48 -10.92
N THR A 236 -1.54 19.25 -11.27
CA THR A 236 -0.63 18.12 -11.34
C THR A 236 0.36 18.37 -12.47
N ILE A 237 -0.13 18.70 -13.67
CA ILE A 237 0.77 18.95 -14.79
C ILE A 237 1.73 20.09 -14.42
N GLY A 238 1.21 21.16 -13.80
CA GLY A 238 2.04 22.27 -13.37
C GLY A 238 3.13 21.87 -12.36
N THR A 239 2.74 21.13 -11.33
CA THR A 239 3.67 20.66 -10.33
C THR A 239 4.73 19.75 -10.96
N SER A 240 4.35 18.95 -11.97
CA SER A 240 5.27 18.06 -12.66
C SER A 240 6.45 18.81 -13.29
N TYR A 241 6.29 20.10 -13.61
CA TYR A 241 7.31 20.88 -14.30
C TYR A 241 8.05 21.84 -13.37
N ILE A 242 7.78 21.81 -12.06
CA ILE A 242 8.35 22.74 -11.10
C ILE A 242 9.85 22.81 -11.25
N PHE A 243 10.53 21.65 -11.37
CA PHE A 243 11.99 21.59 -11.38
C PHE A 243 12.56 21.65 -12.79
N SER A 244 11.79 21.21 -13.79
CA SER A 244 12.31 20.97 -15.13
C SER A 244 12.04 22.13 -16.09
N ASP A 245 10.86 22.79 -16.01
CA ASP A 245 10.49 23.82 -16.96
C ASP A 245 9.56 24.87 -16.34
N TYR A 246 10.14 26.02 -15.97
CA TYR A 246 9.45 27.15 -15.37
C TYR A 246 8.25 27.57 -16.20
N ALA A 247 8.45 27.86 -17.49
CA ALA A 247 7.41 28.40 -18.35
C ALA A 247 6.23 27.43 -18.47
N LEU A 248 6.52 26.14 -18.69
CA LEU A 248 5.48 25.12 -18.83
C LEU A 248 4.77 24.89 -17.49
N SER A 249 5.50 24.95 -16.37
CA SER A 249 4.88 24.88 -15.06
C SER A 249 3.87 26.01 -14.94
N LYS A 250 4.33 27.25 -15.17
CA LYS A 250 3.50 28.43 -15.08
C LYS A 250 2.29 28.32 -16.02
N GLN A 251 2.52 27.95 -17.28
CA GLN A 251 1.46 27.90 -18.28
C GLN A 251 0.38 26.88 -17.93
N ASN A 252 0.74 25.74 -17.32
CA ASN A 252 -0.27 24.78 -16.88
C ASN A 252 -1.01 25.31 -15.66
N TYR A 253 -0.33 26.06 -14.79
CA TYR A 253 -1.00 26.67 -13.65
C TYR A 253 -1.98 27.77 -14.10
N LEU A 254 -1.65 28.52 -15.17
CA LEU A 254 -2.49 29.63 -15.63
C LEU A 254 -3.72 29.07 -16.33
N SER A 255 -3.56 28.01 -17.14
CA SER A 255 -4.68 27.29 -17.73
C SER A 255 -5.65 26.81 -16.66
N GLY A 256 -5.11 26.23 -15.59
CA GLY A 256 -5.93 25.79 -14.49
C GLY A 256 -6.57 26.94 -13.73
N TYR A 257 -5.84 28.04 -13.56
CA TYR A 257 -6.35 29.22 -12.87
C TYR A 257 -7.54 29.83 -13.63
N GLU A 258 -7.46 29.86 -14.98
CA GLU A 258 -8.53 30.29 -15.87
C GLU A 258 -9.79 29.46 -15.64
N ILE A 259 -9.65 28.12 -15.65
CA ILE A 259 -10.77 27.21 -15.40
C ILE A 259 -11.28 27.39 -13.96
N ALA A 260 -10.40 27.66 -13.00
CA ALA A 260 -10.80 27.76 -11.61
C ALA A 260 -11.58 29.05 -11.30
N LYS A 261 -11.44 30.11 -12.12
CA LYS A 261 -12.04 31.40 -11.84
C LYS A 261 -13.52 31.27 -11.48
N GLY A 262 -13.93 31.89 -10.35
CA GLY A 262 -15.28 31.77 -9.83
C GLY A 262 -15.36 30.97 -8.53
N ASN A 263 -14.59 29.85 -8.46
CA ASN A 263 -14.40 29.12 -7.22
C ASN A 263 -13.13 29.61 -6.55
N SER A 264 -13.26 30.20 -5.36
CA SER A 264 -12.13 30.83 -4.68
C SER A 264 -11.22 29.81 -3.99
N VAL A 265 -11.74 28.64 -3.64
CA VAL A 265 -10.88 27.59 -3.10
C VAL A 265 -9.94 27.08 -4.20
N PHE A 266 -10.48 26.79 -5.39
CA PHE A 266 -9.69 26.34 -6.53
C PHE A 266 -8.71 27.42 -6.99
N GLU A 267 -9.12 28.69 -7.00
CA GLU A 267 -8.22 29.80 -7.28
C GLU A 267 -7.02 29.79 -6.34
N GLU A 268 -7.25 29.53 -5.04
CA GLU A 268 -6.23 29.61 -4.01
C GLU A 268 -5.13 28.58 -4.28
N PHE A 269 -5.51 27.37 -4.71
CA PHE A 269 -4.57 26.32 -5.09
C PHE A 269 -3.56 26.81 -6.13
N PHE A 270 -4.02 27.45 -7.20
CA PHE A 270 -3.09 27.92 -8.22
C PHE A 270 -2.19 29.06 -7.70
N LYS A 271 -2.74 29.94 -6.87
CA LYS A 271 -1.97 31.06 -6.31
C LYS A 271 -0.91 30.57 -5.35
N ARG A 272 -1.19 29.51 -4.59
CA ARG A 272 -0.21 28.95 -3.67
C ARG A 272 0.94 28.33 -4.47
N ASN A 273 0.59 27.53 -5.49
CA ASN A 273 1.56 26.89 -6.35
C ASN A 273 2.34 27.87 -7.23
N LEU A 274 1.68 28.89 -7.78
CA LEU A 274 2.38 29.92 -8.55
C LEU A 274 3.37 30.69 -7.62
N SER A 275 2.98 30.88 -6.36
CA SER A 275 3.80 31.56 -5.38
C SER A 275 5.05 30.70 -5.07
N PHE A 276 4.86 29.40 -4.89
CA PHE A 276 5.97 28.46 -4.72
C PHE A 276 6.87 28.47 -5.96
N LEU A 277 6.30 28.35 -7.17
CA LEU A 277 7.09 28.32 -8.38
C LEU A 277 8.01 29.53 -8.47
N ASN A 278 7.47 30.73 -8.30
CA ASN A 278 8.25 31.95 -8.44
C ASN A 278 9.31 32.05 -7.33
N ASN A 279 8.94 31.69 -6.09
CA ASN A 279 9.88 31.67 -4.99
C ASN A 279 11.02 30.70 -5.30
N PHE A 280 10.69 29.50 -5.80
CA PHE A 280 11.70 28.49 -6.04
C PHE A 280 12.71 28.96 -7.09
N TRP A 281 12.23 29.62 -8.16
CA TRP A 281 13.08 30.06 -9.25
C TRP A 281 13.63 31.49 -9.03
N ASN A 282 13.42 32.05 -7.82
CA ASN A 282 13.98 33.32 -7.41
C ASN A 282 13.54 34.42 -8.36
N LYS A 283 12.22 34.49 -8.62
CA LYS A 283 11.62 35.51 -9.47
C LYS A 283 10.70 36.36 -8.61
N GLU A 284 10.37 37.54 -9.14
CA GLU A 284 9.45 38.47 -8.51
C GLU A 284 8.09 37.77 -8.40
N ASN A 285 7.45 37.92 -7.23
CA ASN A 285 6.38 37.02 -6.80
C ASN A 285 5.12 37.81 -6.44
N PRO A 286 4.16 37.97 -7.38
CA PRO A 286 2.89 38.63 -7.07
C PRO A 286 1.80 37.79 -6.43
N TRP A 287 2.05 36.51 -6.13
CA TRP A 287 0.97 35.58 -5.83
C TRP A 287 0.77 35.34 -4.34
N ILE A 288 1.58 35.96 -3.46
CA ILE A 288 1.63 35.55 -2.06
C ILE A 288 0.47 36.18 -1.30
N ASN A 289 -0.13 35.40 -0.38
CA ASN A 289 -1.11 35.87 0.59
C ASN A 289 -0.41 36.23 1.91
N TYR A 290 -0.19 37.54 2.12
CA TYR A 290 0.42 38.09 3.33
C TYR A 290 -0.51 38.04 4.54
N ASP A 291 -1.84 38.02 4.31
CA ASP A 291 -2.87 38.03 5.35
C ASP A 291 -3.00 36.67 6.05
N SER A 292 -2.99 35.58 5.27
CA SER A 292 -3.28 34.25 5.76
C SER A 292 -2.34 33.82 6.89
N ASN A 293 -2.93 33.15 7.89
CA ASN A 293 -2.23 32.52 9.00
C ASN A 293 -1.91 31.05 8.72
N ALA A 294 -2.49 30.47 7.64
CA ALA A 294 -2.25 29.09 7.26
C ALA A 294 -0.76 28.83 7.03
N VAL A 295 -0.32 27.63 7.40
CA VAL A 295 1.08 27.24 7.37
C VAL A 295 1.66 27.38 5.94
N THR A 296 0.98 26.86 4.91
CA THR A 296 1.56 26.89 3.57
C THR A 296 1.69 28.32 3.06
N ASP A 297 0.79 29.24 3.45
CA ASP A 297 0.91 30.64 3.08
C ASP A 297 2.09 31.32 3.77
N VAL A 298 2.24 31.10 5.08
CA VAL A 298 3.32 31.71 5.84
C VAL A 298 4.67 31.20 5.34
N GLN A 299 4.71 29.96 4.83
CA GLN A 299 5.93 29.40 4.28
C GLN A 299 6.36 30.14 3.00
N GLU A 300 5.40 30.52 2.16
CA GLU A 300 5.69 31.29 0.97
C GLU A 300 6.19 32.69 1.31
N VAL A 301 5.65 33.29 2.39
CA VAL A 301 6.14 34.57 2.85
C VAL A 301 7.62 34.45 3.21
N ILE A 302 7.93 33.42 4.02
CA ILE A 302 9.28 33.10 4.46
C ILE A 302 10.22 32.93 3.26
N PHE A 303 9.78 32.17 2.26
CA PHE A 303 10.66 31.84 1.15
C PHE A 303 11.04 33.13 0.39
N GLU A 304 10.04 34.01 0.22
CA GLU A 304 10.25 35.29 -0.41
C GLU A 304 11.27 36.09 0.40
N LEU A 305 11.09 36.16 1.72
CA LEU A 305 12.04 36.86 2.58
C LEU A 305 13.46 36.33 2.39
N ILE A 306 13.62 35.02 2.19
CA ILE A 306 14.93 34.41 1.97
C ILE A 306 15.52 34.89 0.66
N ASN A 307 14.71 34.88 -0.40
CA ASN A 307 15.09 35.46 -1.69
C ASN A 307 15.44 36.95 -1.60
N GLN A 308 14.74 37.71 -0.76
CA GLN A 308 15.04 39.13 -0.57
C GLN A 308 16.21 39.36 0.37
N LYS A 309 16.74 38.29 0.99
CA LYS A 309 17.89 38.33 1.87
C LYS A 309 17.53 39.01 3.19
N LYS A 310 16.29 38.86 3.63
CA LYS A 310 15.85 39.31 4.94
C LYS A 310 15.83 38.07 5.83
N LEU A 311 17.02 37.50 6.08
CA LEU A 311 17.16 36.18 6.66
C LEU A 311 16.82 36.21 8.15
N GLU A 312 17.13 37.32 8.84
CA GLU A 312 16.76 37.53 10.24
C GLU A 312 15.24 37.41 10.48
N ARG A 313 14.43 38.10 9.66
N ARG A 313 14.41 38.10 9.66
CA ARG A 313 12.99 38.10 9.81
CA ARG A 313 12.97 38.06 9.87
C ARG A 313 12.42 36.74 9.40
C ARG A 313 12.41 36.72 9.41
N ALA A 314 13.01 36.14 8.36
CA ALA A 314 12.64 34.81 7.86
C ALA A 314 12.74 33.76 8.96
N LEU A 315 13.85 33.82 9.70
CA LEU A 315 14.07 32.92 10.81
C LEU A 315 13.06 33.13 11.95
N THR A 316 12.82 34.39 12.39
CA THR A 316 11.88 34.67 13.48
C THR A 316 10.48 34.17 13.13
N LEU A 317 10.09 34.34 11.86
CA LEU A 317 8.77 33.93 11.39
C LEU A 317 8.70 32.41 11.29
N LEU A 318 9.78 31.79 10.82
CA LEU A 318 9.91 30.34 10.79
C LEU A 318 9.87 29.78 12.21
N LYS A 319 10.60 30.40 13.14
CA LYS A 319 10.61 30.01 14.55
C LYS A 319 9.21 30.07 15.19
N SER A 320 8.31 30.95 14.73
CA SER A 320 6.97 31.05 15.32
C SER A 320 6.03 29.97 14.79
N LEU A 321 6.28 29.47 13.57
CA LEU A 321 5.58 28.31 13.03
C LEU A 321 5.84 27.03 13.85
N GLU A 322 6.85 27.00 14.75
CA GLU A 322 7.15 25.85 15.60
C GLU A 322 5.96 25.25 16.36
N ARG A 323 4.85 25.98 16.57
CA ARG A 323 3.62 25.37 17.08
C ARG A 323 3.10 24.30 16.11
N LYS A 324 2.70 23.15 16.66
CA LYS A 324 2.51 21.92 15.89
C LYS A 324 1.16 21.96 15.16
N LYS A 325 1.13 22.68 14.03
CA LYS A 325 -0.04 22.83 13.19
C LYS A 325 0.27 22.21 11.82
N GLN A 326 1.21 21.24 11.78
CA GLN A 326 1.87 20.87 10.54
C GLN A 326 1.94 19.35 10.40
N ASN A 327 1.63 18.87 9.19
CA ASN A 327 1.81 17.49 8.79
C ASN A 327 3.27 17.29 8.37
N GLU A 328 3.61 16.04 8.04
CA GLU A 328 4.98 15.65 7.70
C GLU A 328 5.49 16.40 6.47
N ASN A 329 4.67 16.50 5.42
CA ASN A 329 5.06 17.16 4.18
C ASN A 329 5.33 18.65 4.42
N ASP A 330 4.60 19.26 5.36
CA ASP A 330 4.81 20.65 5.72
C ASP A 330 6.14 20.81 6.46
N LEU A 331 6.51 19.79 7.26
CA LEU A 331 7.81 19.80 7.93
C LEU A 331 8.96 19.61 6.95
N GLY A 332 8.74 18.90 5.84
CA GLY A 332 9.70 18.87 4.76
C GLY A 332 10.09 20.28 4.33
N PHE A 333 9.09 21.09 3.95
CA PHE A 333 9.31 22.44 3.45
CA PHE A 333 9.31 22.44 3.46
C PHE A 333 9.90 23.28 4.58
N HIS A 334 9.38 23.13 5.81
CA HIS A 334 9.86 23.88 6.95
C HIS A 334 11.37 23.75 7.13
N TYR A 335 11.86 22.50 7.23
CA TYR A 335 13.27 22.30 7.54
C TYR A 335 14.14 22.66 6.33
N TYR A 336 13.62 22.53 5.11
CA TYR A 336 14.30 23.03 3.94
C TYR A 336 14.55 24.55 4.03
N LEU A 337 13.53 25.32 4.44
CA LEU A 337 13.64 26.78 4.53
C LEU A 337 14.63 27.15 5.61
N GLU A 338 14.55 26.43 6.75
CA GLU A 338 15.48 26.66 7.85
C GLU A 338 16.90 26.41 7.37
N GLY A 339 17.10 25.31 6.64
CA GLY A 339 18.38 25.01 6.02
C GLY A 339 18.88 26.12 5.08
N LEU A 340 17.99 26.66 4.23
CA LEU A 340 18.38 27.73 3.33
C LEU A 340 18.98 28.90 4.09
N ILE A 341 18.49 29.17 5.32
CA ILE A 341 18.95 30.29 6.14
C ILE A 341 20.23 29.89 6.87
N THR A 342 20.16 28.84 7.71
CA THR A 342 21.23 28.49 8.64
C THR A 342 22.39 27.78 7.94
N ASN A 343 22.16 27.13 6.78
CA ASN A 343 23.13 26.28 6.09
C ASN A 343 23.54 25.06 6.93
N ASP A 344 22.71 24.64 7.91
CA ASP A 344 22.98 23.52 8.79
C ASP A 344 22.52 22.24 8.08
N LYS A 345 23.45 21.28 7.88
CA LYS A 345 23.10 20.03 7.21
C LYS A 345 21.98 19.31 7.96
N GLU A 346 21.96 19.39 9.30
CA GLU A 346 20.91 18.80 10.11
C GLU A 346 19.51 19.18 9.64
N ALA A 347 19.29 20.47 9.32
CA ALA A 347 18.01 20.94 8.80
C ALA A 347 17.67 20.22 7.50
N PHE A 348 18.65 20.10 6.60
CA PHE A 348 18.42 19.40 5.34
C PHE A 348 18.21 17.90 5.56
N TYR A 349 18.90 17.28 6.51
CA TYR A 349 18.66 15.87 6.80
C TYR A 349 17.22 15.69 7.26
N LYS A 350 16.76 16.54 8.18
CA LYS A 350 15.39 16.49 8.68
C LYS A 350 14.39 16.67 7.54
N SER A 351 14.71 17.60 6.63
CA SER A 351 13.85 17.87 5.48
C SER A 351 13.66 16.61 4.63
N VAL A 352 14.77 15.93 4.33
CA VAL A 352 14.76 14.67 3.60
C VAL A 352 13.92 13.63 4.35
N GLU A 353 14.10 13.52 5.66
CA GLU A 353 13.39 12.52 6.44
C GLU A 353 11.88 12.74 6.36
N TYR A 354 11.42 13.99 6.50
CA TYR A 354 9.99 14.28 6.48
C TYR A 354 9.39 14.07 5.10
N PHE A 355 10.13 14.45 4.04
CA PHE A 355 9.68 14.15 2.70
C PHE A 355 9.64 12.65 2.47
N LYS A 356 10.59 11.88 3.04
CA LYS A 356 10.59 10.43 2.89
C LYS A 356 9.39 9.82 3.64
N LEU A 357 9.09 10.29 4.86
CA LEU A 357 7.94 9.82 5.62
C LEU A 357 6.61 10.06 4.91
N SER A 358 6.42 11.24 4.30
CA SER A 358 5.22 11.55 3.55
C SER A 358 5.26 11.01 2.12
N GLN A 359 6.31 10.27 1.73
CA GLN A 359 6.40 9.59 0.44
C GLN A 359 6.29 10.57 -0.73
N ASP A 360 6.92 11.74 -0.57
CA ASP A 360 6.98 12.75 -1.61
C ASP A 360 8.34 12.60 -2.30
N LYS A 361 8.39 11.82 -3.38
CA LYS A 361 9.62 11.63 -4.12
C LYS A 361 9.85 12.82 -5.06
N LEU A 362 8.93 13.80 -5.12
CA LEU A 362 9.15 14.99 -5.94
C LEU A 362 9.95 16.04 -5.15
N PHE A 363 9.46 16.45 -3.98
CA PHE A 363 10.01 17.60 -3.30
C PHE A 363 11.25 17.26 -2.48
N ILE A 364 11.46 15.95 -2.21
CA ILE A 364 12.65 15.48 -1.55
C ILE A 364 13.90 15.92 -2.30
N LYS A 365 13.82 16.13 -3.62
CA LYS A 365 14.92 16.63 -4.42
C LYS A 365 15.51 17.94 -3.92
N MET A 366 14.71 18.82 -3.31
CA MET A 366 15.17 20.16 -2.96
C MET A 366 16.27 20.07 -1.91
N PRO A 367 16.05 19.48 -0.72
CA PRO A 367 17.14 19.36 0.23
C PRO A 367 18.29 18.46 -0.27
N LEU A 368 18.00 17.48 -1.14
CA LEU A 368 19.05 16.61 -1.68
C LEU A 368 20.02 17.43 -2.54
N ILE A 369 19.49 18.26 -3.45
CA ILE A 369 20.31 19.21 -4.20
C ILE A 369 21.18 20.05 -3.25
N LYS A 370 20.61 20.55 -2.16
CA LYS A 370 21.35 21.41 -1.25
C LYS A 370 22.46 20.63 -0.54
N LEU A 371 22.21 19.39 -0.17
CA LEU A 371 23.22 18.56 0.44
C LEU A 371 24.34 18.25 -0.56
N GLU A 372 24.05 18.13 -1.86
CA GLU A 372 25.09 17.95 -2.88
C GLU A 372 26.01 19.18 -2.89
N SER A 373 25.42 20.38 -2.91
CA SER A 373 26.14 21.64 -2.82
C SER A 373 27.01 21.74 -1.57
N LEU A 374 26.60 21.12 -0.45
CA LEU A 374 27.44 21.10 0.74
C LEU A 374 28.43 19.91 0.74
N GLY A 375 28.64 19.27 -0.42
CA GLY A 375 29.69 18.28 -0.59
C GLY A 375 29.34 16.88 -0.05
N GLU A 376 28.06 16.52 0.04
CA GLU A 376 27.65 15.18 0.46
C GLU A 376 27.66 14.25 -0.74
N ASN A 377 27.88 12.95 -0.47
CA ASN A 377 28.11 11.93 -1.50
C ASN A 377 26.98 11.95 -2.55
N PRO A 378 27.21 12.36 -3.81
CA PRO A 378 26.14 12.38 -4.81
C PRO A 378 25.46 11.04 -5.07
N ARG A 379 26.21 9.93 -4.89
CA ARG A 379 25.62 8.63 -5.14
C ARG A 379 24.60 8.29 -4.06
N LEU A 380 24.89 8.60 -2.79
CA LEU A 380 23.98 8.30 -1.72
C LEU A 380 22.73 9.14 -1.83
N LEU A 381 22.85 10.38 -2.28
CA LEU A 381 21.71 11.27 -2.43
C LEU A 381 20.80 10.81 -3.59
N LYS A 382 21.40 10.35 -4.70
CA LYS A 382 20.64 9.75 -5.80
C LYS A 382 19.86 8.52 -5.34
N ILE A 383 20.48 7.67 -4.50
CA ILE A 383 19.79 6.50 -3.98
C ILE A 383 18.63 6.91 -3.06
N ILE A 384 18.77 7.97 -2.27
CA ILE A 384 17.69 8.44 -1.42
C ILE A 384 16.51 8.92 -2.26
N SER A 385 16.76 9.49 -3.45
CA SER A 385 15.69 10.02 -4.29
C SER A 385 14.97 8.94 -5.10
N MET A 386 15.43 7.68 -5.11
CA MET A 386 14.72 6.65 -5.87
C MET A 386 13.52 6.15 -5.04
N SER B 46 -15.21 -31.11 20.46
CA SER B 46 -15.10 -31.28 18.98
C SER B 46 -14.47 -32.64 18.67
N GLU B 47 -15.19 -33.48 17.91
CA GLU B 47 -14.69 -34.79 17.52
C GLU B 47 -13.62 -34.64 16.44
N PHE B 48 -13.81 -33.68 15.52
CA PHE B 48 -12.83 -33.41 14.46
C PHE B 48 -11.47 -33.06 15.05
N ASN B 49 -11.43 -32.12 15.98
CA ASN B 49 -10.18 -31.70 16.60
C ASN B 49 -9.48 -32.89 17.29
N SER B 50 -10.28 -33.78 17.88
CA SER B 50 -9.76 -34.98 18.53
C SER B 50 -9.10 -35.93 17.51
N ILE B 51 -9.71 -36.14 16.34
CA ILE B 51 -9.13 -37.00 15.31
C ILE B 51 -7.81 -36.42 14.78
N VAL B 52 -7.82 -35.13 14.42
CA VAL B 52 -6.63 -34.46 13.90
C VAL B 52 -5.47 -34.65 14.87
N ASN B 53 -5.74 -34.46 16.17
CA ASN B 53 -4.71 -34.57 17.19
C ASN B 53 -4.14 -35.99 17.23
N ILE B 54 -5.00 -37.00 17.15
CA ILE B 54 -4.58 -38.40 17.11
C ILE B 54 -3.69 -38.65 15.89
N VAL B 55 -4.06 -38.10 14.72
CA VAL B 55 -3.31 -38.34 13.50
C VAL B 55 -1.95 -37.62 13.60
N LYS B 56 -1.93 -36.39 14.12
CA LYS B 56 -0.70 -35.64 14.22
C LYS B 56 0.29 -36.34 15.17
N THR B 57 -0.19 -36.83 16.32
CA THR B 57 0.70 -37.38 17.32
C THR B 57 1.14 -38.80 16.93
N HIS B 58 0.25 -39.65 16.36
CA HIS B 58 0.57 -41.06 16.15
C HIS B 58 1.01 -41.38 14.71
N TYR B 59 0.53 -40.65 13.69
CA TYR B 59 0.89 -40.94 12.29
C TYR B 59 1.25 -39.64 11.57
N PRO B 60 2.22 -38.85 12.07
CA PRO B 60 2.60 -37.58 11.44
C PRO B 60 3.02 -37.67 9.97
N ASP B 61 3.65 -38.78 9.59
CA ASP B 61 4.19 -38.95 8.26
C ASP B 61 3.07 -39.28 7.27
N GLN B 62 1.90 -39.74 7.79
CA GLN B 62 0.75 -40.09 6.97
C GLN B 62 -0.38 -39.10 7.19
N GLU B 63 -0.10 -37.89 7.69
CA GLU B 63 -1.14 -36.99 8.13
C GLU B 63 -2.10 -36.72 6.96
N TYR B 64 -1.55 -36.33 5.82
CA TYR B 64 -2.37 -35.93 4.69
C TYR B 64 -3.20 -37.13 4.22
N GLU B 65 -2.60 -38.31 4.09
CA GLU B 65 -3.24 -39.45 3.45
C GLU B 65 -4.36 -40.01 4.35
N LEU B 66 -4.20 -39.91 5.68
CA LEU B 66 -5.27 -40.25 6.60
C LEU B 66 -6.38 -39.19 6.60
N MET B 67 -6.02 -37.91 6.72
CA MET B 67 -7.02 -36.84 6.90
C MET B 67 -7.84 -36.60 5.64
N GLU B 68 -7.20 -36.58 4.47
CA GLU B 68 -7.89 -36.45 3.18
C GLU B 68 -9.07 -37.41 3.11
N ASN B 69 -8.81 -38.71 3.31
CA ASN B 69 -9.80 -39.77 3.31
C ASN B 69 -10.92 -39.46 4.32
N TYR B 70 -10.53 -39.15 5.57
CA TYR B 70 -11.46 -38.88 6.66
C TYR B 70 -12.33 -37.67 6.38
N CYS B 71 -11.74 -36.54 5.98
CA CYS B 71 -12.48 -35.30 5.70
C CYS B 71 -13.58 -35.53 4.63
N LEU B 72 -13.26 -36.30 3.58
CA LEU B 72 -14.17 -36.55 2.48
C LEU B 72 -15.26 -37.58 2.83
N LEU B 73 -15.16 -38.28 3.95
CA LEU B 73 -16.20 -39.20 4.38
C LEU B 73 -17.13 -38.55 5.40
N LEU B 74 -16.82 -37.32 5.86
CA LEU B 74 -17.71 -36.63 6.78
C LEU B 74 -18.99 -36.21 6.06
N ASP B 75 -20.10 -36.27 6.80
CA ASP B 75 -21.36 -35.75 6.30
C ASP B 75 -21.22 -34.23 6.15
N PRO B 76 -21.45 -33.66 4.94
CA PRO B 76 -21.23 -32.23 4.74
C PRO B 76 -22.12 -31.26 5.53
N ASN B 77 -23.21 -31.76 6.15
CA ASN B 77 -24.10 -30.98 7.00
C ASN B 77 -23.61 -30.81 8.44
N THR B 78 -22.50 -31.46 8.82
CA THR B 78 -22.06 -31.52 10.21
C THR B 78 -20.99 -30.45 10.45
N LYS B 79 -20.87 -30.08 11.73
CA LYS B 79 -19.82 -29.18 12.21
C LYS B 79 -18.43 -29.72 11.86
N ALA B 80 -18.21 -31.03 11.98
CA ALA B 80 -16.92 -31.60 11.64
C ALA B 80 -16.51 -31.35 10.19
N ALA B 81 -17.45 -31.46 9.23
CA ALA B 81 -17.15 -31.17 7.83
C ALA B 81 -16.79 -29.69 7.62
N ARG B 82 -17.37 -28.83 8.45
CA ARG B 82 -17.09 -27.40 8.39
C ARG B 82 -15.64 -27.23 8.83
N SER B 83 -15.34 -27.69 10.05
CA SER B 83 -13.98 -27.62 10.54
C SER B 83 -12.98 -28.18 9.53
N ALA B 84 -13.33 -29.28 8.85
CA ALA B 84 -12.46 -29.91 7.85
C ALA B 84 -12.08 -28.93 6.74
N LEU B 85 -13.03 -28.06 6.38
CA LEU B 85 -12.83 -27.06 5.34
C LEU B 85 -11.74 -26.08 5.74
N GLU B 86 -11.78 -25.62 6.99
CA GLU B 86 -10.73 -24.74 7.53
C GLU B 86 -9.40 -25.49 7.66
N TYR B 87 -9.45 -26.73 8.19
CA TYR B 87 -8.26 -27.57 8.34
C TYR B 87 -7.56 -27.67 6.99
N ALA B 88 -8.34 -27.99 5.95
CA ALA B 88 -7.79 -28.15 4.61
C ALA B 88 -7.16 -26.83 4.11
N ASP B 89 -7.88 -25.71 4.23
CA ASP B 89 -7.40 -24.45 3.69
C ASP B 89 -6.22 -23.91 4.51
N ALA B 90 -6.30 -23.98 5.84
CA ALA B 90 -5.18 -23.52 6.65
C ALA B 90 -3.89 -24.27 6.34
N ASN B 91 -3.97 -25.54 5.90
CA ASN B 91 -2.81 -26.34 5.54
C ASN B 91 -2.41 -26.16 4.07
N SER B 92 -3.19 -25.41 3.26
CA SER B 92 -3.01 -25.31 1.82
C SER B 92 -3.08 -26.67 1.14
N PHE B 93 -4.02 -27.53 1.58
CA PHE B 93 -4.39 -28.74 0.87
C PHE B 93 -5.47 -28.32 -0.12
N ASN B 94 -5.03 -27.83 -1.29
CA ASN B 94 -5.90 -27.09 -2.19
C ASN B 94 -6.93 -27.99 -2.85
N THR B 95 -6.48 -29.14 -3.38
CA THR B 95 -7.33 -30.17 -3.98
C THR B 95 -8.44 -30.58 -3.00
N LEU B 96 -8.05 -30.76 -1.73
CA LEU B 96 -8.96 -31.19 -0.68
C LEU B 96 -9.96 -30.07 -0.38
N THR B 97 -9.46 -28.85 -0.13
CA THR B 97 -10.29 -27.69 0.12
C THR B 97 -11.38 -27.59 -0.95
N ASP B 98 -10.98 -27.69 -2.22
CA ASP B 98 -11.90 -27.55 -3.34
C ASP B 98 -12.91 -28.71 -3.38
N LYS B 99 -12.47 -29.93 -3.03
CA LYS B 99 -13.39 -31.06 -2.97
C LYS B 99 -14.41 -30.86 -1.85
N LEU B 100 -13.96 -30.30 -0.71
CA LEU B 100 -14.87 -30.01 0.38
C LEU B 100 -15.83 -28.87 0.03
N VAL B 101 -15.34 -27.85 -0.70
CA VAL B 101 -16.20 -26.78 -1.21
C VAL B 101 -17.31 -27.39 -2.07
N GLU B 102 -16.95 -28.24 -3.04
CA GLU B 102 -17.91 -28.89 -3.92
C GLU B 102 -18.97 -29.63 -3.11
N LYS B 103 -18.60 -30.25 -1.98
CA LYS B 103 -19.50 -30.98 -1.12
C LYS B 103 -20.44 -30.08 -0.32
N MET B 104 -20.01 -28.87 0.05
CA MET B 104 -20.85 -27.92 0.79
C MET B 104 -22.04 -27.38 -0.02
N SER B 105 -21.88 -27.18 -1.34
CA SER B 105 -22.99 -26.84 -2.23
C SER B 105 -24.14 -27.87 -2.16
N ILE B 106 -23.80 -29.17 -2.23
CA ILE B 106 -24.77 -30.26 -2.22
C ILE B 106 -25.40 -30.42 -0.82
N ALA B 107 -24.82 -29.83 0.25
CA ALA B 107 -25.41 -29.87 1.57
C ALA B 107 -26.63 -28.98 1.64
N SER B 108 -27.57 -29.34 2.52
CA SER B 108 -28.78 -28.58 2.78
C SER B 108 -28.67 -27.76 4.08
N ASN B 109 -27.73 -28.10 4.97
CA ASN B 109 -27.49 -27.30 6.16
C ASN B 109 -27.11 -25.88 5.75
N LEU B 110 -27.79 -24.89 6.37
CA LEU B 110 -27.65 -23.48 6.06
C LEU B 110 -26.18 -23.06 6.26
N LYS B 111 -25.63 -23.41 7.44
CA LYS B 111 -24.27 -23.02 7.80
C LYS B 111 -23.25 -23.63 6.82
N SER B 112 -23.40 -24.92 6.50
CA SER B 112 -22.50 -25.60 5.58
C SER B 112 -22.51 -24.95 4.20
N LYS B 113 -23.73 -24.72 3.67
CA LYS B 113 -23.92 -24.02 2.40
C LYS B 113 -23.13 -22.70 2.41
N GLU B 114 -23.21 -21.97 3.53
CA GLU B 114 -22.60 -20.65 3.64
C GLU B 114 -21.07 -20.75 3.68
N TYR B 115 -20.53 -21.67 4.49
CA TYR B 115 -19.09 -21.90 4.49
C TYR B 115 -18.62 -22.29 3.09
N GLY B 116 -19.36 -23.18 2.41
CA GLY B 116 -19.06 -23.58 1.04
C GLY B 116 -18.83 -22.39 0.10
N LYS B 117 -19.81 -21.47 0.08
CA LYS B 117 -19.82 -20.35 -0.85
C LYS B 117 -18.69 -19.37 -0.56
N ILE B 118 -18.35 -19.15 0.72
CA ILE B 118 -17.36 -18.14 1.11
C ILE B 118 -15.95 -18.68 0.92
N TYR B 119 -15.70 -19.95 1.30
CA TYR B 119 -14.44 -20.60 0.95
C TYR B 119 -14.27 -20.68 -0.57
N GLU B 120 -15.37 -20.93 -1.31
CA GLU B 120 -15.35 -20.92 -2.77
C GLU B 120 -14.79 -19.60 -3.29
N ILE B 121 -15.26 -18.45 -2.74
CA ILE B 121 -14.79 -17.13 -3.15
C ILE B 121 -13.30 -17.00 -2.80
N HIS B 122 -12.93 -17.31 -1.55
CA HIS B 122 -11.53 -17.37 -1.11
C HIS B 122 -10.66 -18.14 -2.11
N ARG B 123 -11.10 -19.33 -2.54
CA ARG B 123 -10.30 -20.19 -3.40
C ARG B 123 -10.21 -19.63 -4.82
N LYS B 124 -11.33 -19.18 -5.40
CA LYS B 124 -11.32 -18.46 -6.67
C LYS B 124 -10.31 -17.29 -6.67
N LEU B 125 -10.29 -16.50 -5.59
CA LEU B 125 -9.35 -15.38 -5.46
C LEU B 125 -7.92 -15.88 -5.33
N SER B 126 -7.71 -16.93 -4.53
CA SER B 126 -6.39 -17.47 -4.27
C SER B 126 -5.76 -18.11 -5.51
N ARG B 127 -6.57 -18.79 -6.34
CA ARG B 127 -6.15 -19.34 -7.62
C ARG B 127 -5.97 -18.26 -8.70
N GLY B 128 -6.49 -17.04 -8.49
CA GLY B 128 -6.37 -15.96 -9.46
C GLY B 128 -7.35 -16.10 -10.62
N GLU B 129 -8.44 -16.87 -10.44
CA GLU B 129 -9.51 -16.96 -11.42
C GLU B 129 -10.36 -15.69 -11.40
N ILE B 130 -10.34 -14.98 -10.25
CA ILE B 130 -10.99 -13.70 -10.09
C ILE B 130 -10.02 -12.72 -9.42
N ASP B 131 -10.38 -11.43 -9.50
CA ASP B 131 -9.73 -10.34 -8.78
C ASP B 131 -10.55 -9.98 -7.53
N VAL B 132 -9.97 -9.15 -6.66
CA VAL B 132 -10.59 -8.75 -5.41
C VAL B 132 -11.92 -8.02 -5.59
N LEU B 133 -12.05 -7.25 -6.68
CA LEU B 133 -13.29 -6.56 -6.96
C LEU B 133 -14.44 -7.55 -7.16
N GLU B 134 -14.23 -8.61 -7.97
CA GLU B 134 -15.25 -9.62 -8.22
C GLU B 134 -15.57 -10.39 -6.93
N ALA B 135 -14.52 -10.63 -6.11
CA ALA B 135 -14.64 -11.26 -4.81
C ALA B 135 -15.63 -10.51 -3.92
N SER B 136 -15.36 -9.21 -3.70
CA SER B 136 -16.21 -8.32 -2.92
C SER B 136 -17.62 -8.24 -3.48
N LYS B 137 -17.71 -8.17 -4.81
CA LYS B 137 -18.99 -8.21 -5.49
C LYS B 137 -19.74 -9.49 -5.09
N ASN B 138 -19.08 -10.67 -5.17
CA ASN B 138 -19.71 -11.95 -4.85
C ASN B 138 -20.09 -12.03 -3.37
N ILE B 139 -19.25 -11.48 -2.46
CA ILE B 139 -19.54 -11.42 -1.03
C ILE B 139 -20.85 -10.66 -0.78
N GLY B 140 -21.01 -9.49 -1.42
CA GLY B 140 -22.23 -8.69 -1.39
C GLY B 140 -23.49 -9.45 -1.80
N LYS B 141 -23.39 -10.36 -2.78
CA LYS B 141 -24.50 -11.20 -3.25
C LYS B 141 -25.12 -12.04 -2.12
N TYR B 142 -24.31 -12.51 -1.15
CA TYR B 142 -24.84 -13.37 -0.08
C TYR B 142 -25.09 -12.52 1.16
N ARG B 143 -26.15 -12.91 1.89
CA ARG B 143 -26.39 -12.50 3.26
C ARG B 143 -25.72 -13.51 4.20
N ILE B 144 -24.66 -13.07 4.91
CA ILE B 144 -23.86 -13.92 5.76
C ILE B 144 -24.44 -13.93 7.18
N LYS B 145 -24.96 -15.09 7.61
CA LYS B 145 -25.54 -15.29 8.94
C LYS B 145 -24.49 -15.61 10.02
N THR B 146 -23.48 -16.45 9.73
CA THR B 146 -22.53 -16.89 10.75
C THR B 146 -21.51 -15.80 11.05
N ASP B 147 -21.11 -15.72 12.33
CA ASP B 147 -20.07 -14.79 12.73
C ASP B 147 -18.72 -15.18 12.11
N GLU B 148 -18.48 -16.50 11.98
CA GLU B 148 -17.22 -17.01 11.47
C GLU B 148 -17.04 -16.64 10.00
N MET B 149 -18.08 -16.79 9.15
CA MET B 149 -17.93 -16.46 7.74
C MET B 149 -18.03 -14.94 7.51
N ASN B 150 -18.67 -14.21 8.44
CA ASN B 150 -18.63 -12.76 8.42
C ASN B 150 -17.20 -12.28 8.62
N ILE B 151 -16.52 -12.78 9.65
CA ILE B 151 -15.11 -12.46 9.88
C ILE B 151 -14.23 -12.94 8.72
N PHE B 152 -14.48 -14.15 8.20
CA PHE B 152 -13.65 -14.69 7.14
C PHE B 152 -13.82 -13.87 5.86
N SER B 153 -15.06 -13.47 5.55
CA SER B 153 -15.33 -12.60 4.41
C SER B 153 -14.51 -11.31 4.47
N LYS B 154 -14.31 -10.75 5.67
CA LYS B 154 -13.46 -9.57 5.83
C LYS B 154 -12.01 -9.90 5.51
N MET B 155 -11.53 -11.09 5.90
CA MET B 155 -10.15 -11.48 5.68
C MET B 155 -9.83 -11.79 4.21
N ILE B 156 -10.83 -12.19 3.41
CA ILE B 156 -10.59 -12.64 2.04
C ILE B 156 -9.88 -11.54 1.24
N PRO B 157 -10.44 -10.30 1.11
CA PRO B 157 -9.72 -9.19 0.48
C PRO B 157 -8.31 -8.96 0.99
N MET B 158 -8.13 -9.09 2.31
CA MET B 158 -6.85 -8.84 2.96
C MET B 158 -5.73 -9.69 2.39
N TYR B 159 -6.01 -10.96 2.06
CA TYR B 159 -5.02 -11.84 1.44
C TYR B 159 -4.57 -11.30 0.08
N ASP B 160 -5.47 -10.66 -0.67
CA ASP B 160 -5.15 -10.06 -1.97
C ASP B 160 -4.39 -8.74 -1.77
N TYR B 161 -4.93 -7.84 -0.94
CA TYR B 161 -4.32 -6.54 -0.69
C TYR B 161 -2.89 -6.72 -0.13
N LEU B 162 -2.67 -7.71 0.73
CA LEU B 162 -1.35 -8.04 1.27
C LEU B 162 -0.45 -8.79 0.30
N SER B 163 -0.95 -9.29 -0.84
CA SER B 163 -0.09 -9.91 -1.85
C SER B 163 0.62 -8.86 -2.71
N LYS B 164 0.57 -7.56 -2.34
CA LYS B 164 1.04 -6.46 -3.18
C LYS B 164 1.16 -5.19 -2.33
N GLY B 165 1.93 -5.26 -1.23
CA GLY B 165 2.10 -4.14 -0.34
C GLY B 165 0.83 -3.78 0.41
N ASN B 166 0.59 -2.48 0.62
CA ASN B 166 -0.60 -1.96 1.33
C ASN B 166 -0.75 -2.46 2.75
N PHE B 167 0.30 -2.36 3.51
CA PHE B 167 0.27 -2.88 4.84
C PHE B 167 -0.48 -2.08 5.88
N SER B 168 0.06 -0.93 6.23
CA SER B 168 -0.52 -0.09 7.28
C SER B 168 -2.02 -0.13 7.46
N PRO B 169 -2.76 0.01 6.37
CA PRO B 169 -4.20 -0.05 6.53
C PRO B 169 -4.64 -1.42 6.96
N MET B 170 -3.89 -2.44 6.59
CA MET B 170 -4.24 -3.81 6.93
C MET B 170 -4.09 -4.07 8.43
N LYS B 171 -2.94 -3.69 8.96
CA LYS B 171 -2.62 -3.86 10.36
C LYS B 171 -3.80 -3.49 11.25
N SER B 172 -4.28 -2.26 11.08
CA SER B 172 -5.34 -1.75 11.94
C SER B 172 -6.63 -2.55 11.78
N LEU B 173 -6.94 -2.97 10.54
CA LEU B 173 -8.14 -3.75 10.26
C LEU B 173 -8.05 -5.13 10.95
N LEU B 174 -6.89 -5.80 10.85
CA LEU B 174 -6.68 -7.13 11.44
C LEU B 174 -6.83 -7.12 12.96
N LYS B 175 -6.30 -6.08 13.63
CA LYS B 175 -6.42 -5.94 15.08
C LYS B 175 -7.86 -5.62 15.49
N GLN B 176 -8.65 -5.00 14.58
CA GLN B 176 -10.04 -4.65 14.83
C GLN B 176 -10.95 -5.88 14.89
N ILE B 177 -10.62 -6.96 14.16
CA ILE B 177 -11.37 -8.22 14.24
C ILE B 177 -11.38 -8.73 15.68
N ASP B 178 -12.58 -9.05 16.20
CA ASP B 178 -12.73 -9.67 17.51
C ASP B 178 -13.22 -11.12 17.34
N LEU B 179 -12.32 -12.07 17.58
CA LEU B 179 -12.59 -13.49 17.38
C LEU B 179 -13.49 -14.07 18.47
N ASN B 180 -13.67 -13.37 19.60
CA ASN B 180 -14.66 -13.74 20.60
C ASN B 180 -16.10 -13.74 20.04
N ASP B 181 -16.36 -13.06 18.91
CA ASP B 181 -17.64 -13.15 18.23
C ASP B 181 -17.95 -14.56 17.71
N ILE B 182 -16.93 -15.39 17.45
CA ILE B 182 -17.16 -16.77 17.02
C ILE B 182 -17.50 -17.61 18.25
N LYS B 183 -18.80 -17.93 18.39
CA LYS B 183 -19.32 -18.71 19.51
C LYS B 183 -19.49 -20.18 19.15
N GLU B 184 -19.54 -20.52 17.86
CA GLU B 184 -20.16 -21.76 17.38
C GLU B 184 -19.16 -22.78 16.81
N ASN B 185 -17.87 -22.43 16.66
CA ASN B 185 -16.86 -23.35 16.13
C ASN B 185 -15.48 -22.93 16.63
N ASN B 186 -15.05 -23.51 17.75
CA ASN B 186 -13.80 -23.16 18.40
C ASN B 186 -12.59 -23.53 17.54
N TYR B 187 -12.74 -24.52 16.63
CA TYR B 187 -11.64 -24.94 15.76
C TYR B 187 -11.33 -23.83 14.74
N LEU B 188 -12.37 -23.28 14.10
CA LEU B 188 -12.23 -22.08 13.27
C LEU B 188 -11.68 -20.91 14.07
N LYS B 189 -12.19 -20.70 15.30
CA LYS B 189 -11.73 -19.59 16.13
C LYS B 189 -10.22 -19.65 16.32
N LYS B 190 -9.70 -20.81 16.74
CA LYS B 190 -8.26 -20.98 16.99
C LYS B 190 -7.47 -20.89 15.69
N SER B 191 -7.99 -21.45 14.59
CA SER B 191 -7.30 -21.38 13.31
C SER B 191 -7.23 -19.92 12.82
N PHE B 192 -8.31 -19.16 12.97
CA PHE B 192 -8.37 -17.76 12.52
C PHE B 192 -7.42 -16.87 13.32
N GLU B 193 -7.38 -17.07 14.65
CA GLU B 193 -6.38 -16.43 15.51
C GLU B 193 -4.98 -16.59 14.94
N THR B 194 -4.63 -17.79 14.46
CA THR B 194 -3.31 -18.05 13.91
C THR B 194 -3.17 -17.27 12.61
N ARG B 195 -4.18 -17.32 11.74
CA ARG B 195 -4.18 -16.62 10.47
C ARG B 195 -3.86 -15.14 10.69
N ILE B 196 -4.48 -14.53 11.72
CA ILE B 196 -4.27 -13.13 12.06
C ILE B 196 -2.81 -12.91 12.45
N TYR B 197 -2.32 -13.73 13.40
CA TYR B 197 -0.99 -13.54 13.97
C TYR B 197 0.08 -13.67 12.89
N VAL B 198 -0.14 -14.57 11.92
CA VAL B 198 0.83 -14.82 10.85
C VAL B 198 0.87 -13.64 9.89
N LEU B 199 -0.31 -13.10 9.51
CA LEU B 199 -0.37 -11.93 8.64
C LEU B 199 0.33 -10.73 9.27
N LEU B 200 -0.02 -10.43 10.53
CA LEU B 200 0.60 -9.32 11.23
C LEU B 200 2.11 -9.49 11.27
N SER B 201 2.55 -10.70 11.65
CA SER B 201 3.97 -11.04 11.64
C SER B 201 4.65 -10.71 10.31
N ASN B 202 3.99 -11.05 9.20
CA ASN B 202 4.51 -10.88 7.85
C ASN B 202 4.60 -9.39 7.49
N ILE B 203 3.53 -8.64 7.82
CA ILE B 203 3.49 -7.20 7.64
C ILE B 203 4.68 -6.54 8.35
N TYR B 204 4.85 -6.83 9.64
CA TYR B 204 5.85 -6.17 10.46
C TYR B 204 7.27 -6.51 9.97
N LEU B 205 7.47 -7.72 9.45
CA LEU B 205 8.76 -8.09 8.89
C LEU B 205 9.08 -7.21 7.68
N ASN B 206 8.10 -7.01 6.80
CA ASN B 206 8.30 -6.22 5.60
C ASN B 206 8.52 -4.75 5.91
N GLU B 207 7.90 -4.23 6.99
CA GLU B 207 8.16 -2.89 7.48
C GLU B 207 9.50 -2.77 8.24
N ASN B 208 10.27 -3.86 8.39
CA ASN B 208 11.50 -3.89 9.16
C ASN B 208 11.20 -3.50 10.62
N GLU B 209 10.06 -3.98 11.12
CA GLU B 209 9.69 -3.91 12.52
C GLU B 209 9.92 -5.31 13.10
N LEU B 210 11.18 -5.59 13.44
CA LEU B 210 11.63 -6.94 13.73
C LEU B 210 11.17 -7.42 15.10
N GLU B 211 11.16 -6.53 16.12
CA GLU B 211 10.60 -6.85 17.43
C GLU B 211 9.14 -7.22 17.30
N LEU B 212 8.37 -6.40 16.57
CA LEU B 212 6.94 -6.65 16.40
C LEU B 212 6.69 -7.90 15.56
N SER B 213 7.51 -8.17 14.53
CA SER B 213 7.32 -9.37 13.73
C SER B 213 7.51 -10.62 14.59
N ARG B 214 8.50 -10.62 15.49
CA ARG B 214 8.74 -11.71 16.40
C ARG B 214 7.58 -11.87 17.37
N LYS B 215 7.12 -10.76 17.97
CA LYS B 215 6.00 -10.82 18.91
C LYS B 215 4.85 -11.62 18.29
N TYR B 216 4.48 -11.30 17.03
CA TYR B 216 3.32 -11.93 16.41
C TYR B 216 3.67 -13.33 15.90
N ALA B 217 4.92 -13.60 15.51
CA ALA B 217 5.32 -14.93 15.11
C ALA B 217 5.30 -15.91 16.30
N GLU B 218 5.83 -15.47 17.47
CA GLU B 218 5.76 -16.23 18.70
C GLU B 218 4.31 -16.53 19.09
N LYS B 219 3.41 -15.54 19.00
CA LYS B 219 2.00 -15.75 19.28
C LYS B 219 1.41 -16.79 18.35
N ALA B 220 1.79 -16.72 17.06
CA ALA B 220 1.31 -17.70 16.08
C ALA B 220 1.72 -19.12 16.47
N ILE B 221 2.99 -19.29 16.90
CA ILE B 221 3.56 -20.59 17.25
C ILE B 221 2.79 -21.21 18.41
N LYS B 222 2.70 -20.46 19.53
CA LYS B 222 1.92 -20.83 20.70
C LYS B 222 0.48 -21.20 20.34
N SER B 223 -0.11 -20.53 19.34
CA SER B 223 -1.51 -20.72 18.98
C SER B 223 -1.80 -21.97 18.14
N THR B 224 -0.82 -22.64 17.47
CA THR B 224 -1.13 -23.56 16.37
C THR B 224 -0.31 -24.86 16.37
N ASP B 225 -0.80 -25.83 15.57
CA ASP B 225 -0.05 -27.01 15.11
C ASP B 225 -0.12 -27.20 13.60
N THR B 226 -0.59 -26.19 12.86
CA THR B 226 -0.53 -26.22 11.41
C THR B 226 0.94 -26.03 11.00
N LYS B 227 1.51 -27.04 10.33
CA LYS B 227 2.92 -27.08 10.03
C LYS B 227 3.37 -25.82 9.27
N ARG B 228 2.66 -25.44 8.20
CA ARG B 228 3.11 -24.32 7.37
C ARG B 228 3.12 -22.99 8.16
N PHE B 229 2.21 -22.79 9.13
CA PHE B 229 2.25 -21.63 9.99
C PHE B 229 3.44 -21.66 10.94
N LEU B 230 3.79 -22.85 11.46
CA LEU B 230 4.98 -22.98 12.28
C LEU B 230 6.24 -22.68 11.45
N VAL B 231 6.27 -23.16 10.20
CA VAL B 231 7.42 -22.95 9.33
C VAL B 231 7.61 -21.45 9.09
N PHE B 232 6.55 -20.77 8.65
CA PHE B 232 6.66 -19.35 8.36
CA PHE B 232 6.54 -19.33 8.40
C PHE B 232 7.03 -18.57 9.62
N SER B 233 6.45 -18.92 10.78
CA SER B 233 6.81 -18.24 12.03
C SER B 233 8.30 -18.41 12.38
N TYR B 234 8.86 -19.61 12.22
CA TYR B 234 10.26 -19.85 12.62
C TYR B 234 11.21 -19.20 11.63
N LEU B 235 10.93 -19.30 10.31
CA LEU B 235 11.67 -18.53 9.32
C LEU B 235 11.71 -17.04 9.66
N THR B 236 10.55 -16.49 10.03
CA THR B 236 10.42 -15.07 10.30
C THR B 236 11.27 -14.72 11.51
N ILE B 237 11.11 -15.44 12.62
CA ILE B 237 11.87 -15.14 13.82
C ILE B 237 13.35 -15.25 13.50
N GLY B 238 13.75 -16.30 12.78
CA GLY B 238 15.13 -16.50 12.39
C GLY B 238 15.70 -15.34 11.54
N THR B 239 14.95 -14.96 10.51
CA THR B 239 15.33 -13.85 9.65
C THR B 239 15.43 -12.55 10.44
N SER B 240 14.55 -12.35 11.43
CA SER B 240 14.57 -11.15 12.26
C SER B 240 15.90 -10.96 13.01
N TYR B 241 16.63 -12.05 13.28
CA TYR B 241 17.85 -12.00 14.08
C TYR B 241 19.11 -12.12 13.22
N ILE B 242 18.98 -12.17 11.88
CA ILE B 242 20.13 -12.35 11.00
C ILE B 242 21.23 -11.37 11.38
N PHE B 243 20.86 -10.10 11.57
CA PHE B 243 21.80 -9.01 11.73
C PHE B 243 22.06 -8.69 13.20
N SER B 244 21.17 -9.09 14.12
CA SER B 244 21.30 -8.71 15.52
C SER B 244 21.87 -9.84 16.39
N ASP B 245 21.47 -11.11 16.19
CA ASP B 245 21.81 -12.19 17.11
C ASP B 245 21.98 -13.53 16.39
N TYR B 246 23.24 -13.92 16.16
CA TYR B 246 23.61 -15.13 15.44
C TYR B 246 22.97 -16.36 16.10
N ALA B 247 23.20 -16.55 17.41
CA ALA B 247 22.75 -17.74 18.12
C ALA B 247 21.24 -17.91 18.05
N LEU B 248 20.50 -16.82 18.31
CA LEU B 248 19.05 -16.85 18.27
C LEU B 248 18.52 -17.05 16.85
N SER B 249 19.18 -16.45 15.84
CA SER B 249 18.80 -16.69 14.46
C SER B 249 18.92 -18.18 14.16
N LYS B 250 20.09 -18.75 14.46
CA LYS B 250 20.38 -20.17 14.24
C LYS B 250 19.38 -21.05 14.96
N GLN B 251 19.15 -20.77 16.25
CA GLN B 251 18.29 -21.60 17.09
C GLN B 251 16.87 -21.63 16.56
N ASN B 252 16.36 -20.49 16.07
CA ASN B 252 15.00 -20.45 15.51
C ASN B 252 14.96 -21.18 14.17
N TYR B 253 16.03 -21.12 13.38
CA TYR B 253 16.06 -21.83 12.10
C TYR B 253 16.13 -23.34 12.29
N LEU B 254 16.84 -23.82 13.34
CA LEU B 254 16.96 -25.25 13.62
C LEU B 254 15.64 -25.81 14.12
N SER B 255 14.97 -25.08 15.03
CA SER B 255 13.62 -25.43 15.49
C SER B 255 12.67 -25.57 14.31
N GLY B 256 12.72 -24.61 13.37
CA GLY B 256 11.90 -24.66 12.18
C GLY B 256 12.29 -25.81 11.25
N TYR B 257 13.60 -26.08 11.12
CA TYR B 257 14.10 -27.19 10.32
C TYR B 257 13.55 -28.54 10.83
N GLU B 258 13.54 -28.72 12.17
CA GLU B 258 12.98 -29.89 12.85
C GLU B 258 11.51 -30.09 12.47
N ILE B 259 10.71 -29.02 12.57
CA ILE B 259 9.30 -29.06 12.20
C ILE B 259 9.14 -29.32 10.68
N ALA B 260 10.05 -28.78 9.86
CA ALA B 260 9.92 -28.91 8.41
C ALA B 260 10.26 -30.32 7.88
N LYS B 261 10.97 -31.15 8.66
CA LYS B 261 11.39 -32.49 8.23
C LYS B 261 10.25 -33.24 7.55
N GLY B 262 10.51 -33.78 6.34
CA GLY B 262 9.52 -34.50 5.54
C GLY B 262 9.09 -33.72 4.30
N ASN B 263 8.89 -32.40 4.45
CA ASN B 263 8.55 -31.51 3.33
C ASN B 263 9.83 -30.90 2.79
N SER B 264 10.14 -31.19 1.51
CA SER B 264 11.39 -30.81 0.87
C SER B 264 11.46 -29.32 0.59
N VAL B 265 10.32 -28.70 0.28
CA VAL B 265 10.28 -27.26 0.04
C VAL B 265 10.62 -26.53 1.34
N PHE B 266 9.94 -26.89 2.44
CA PHE B 266 10.13 -26.23 3.73
C PHE B 266 11.54 -26.45 4.26
N GLU B 267 12.08 -27.67 4.11
CA GLU B 267 13.47 -27.97 4.46
C GLU B 267 14.42 -27.02 3.75
N GLU B 268 14.18 -26.77 2.46
CA GLU B 268 15.11 -26.01 1.62
C GLU B 268 15.22 -24.56 2.11
N PHE B 269 14.10 -23.97 2.53
CA PHE B 269 14.08 -22.64 3.11
C PHE B 269 15.05 -22.48 4.27
N PHE B 270 15.03 -23.41 5.24
CA PHE B 270 15.93 -23.33 6.38
C PHE B 270 17.39 -23.54 5.96
N LYS B 271 17.64 -24.49 5.04
CA LYS B 271 19.00 -24.76 4.58
C LYS B 271 19.60 -23.55 3.85
N ARG B 272 18.80 -22.87 3.01
CA ARG B 272 19.26 -21.68 2.31
C ARG B 272 19.61 -20.56 3.30
N ASN B 273 18.70 -20.30 4.24
CA ASN B 273 18.90 -19.30 5.28
C ASN B 273 20.01 -19.64 6.27
N LEU B 274 20.14 -20.91 6.67
CA LEU B 274 21.23 -21.32 7.53
C LEU B 274 22.58 -21.17 6.83
N SER B 275 22.62 -21.44 5.52
CA SER B 275 23.81 -21.27 4.71
C SER B 275 24.23 -19.79 4.65
N PHE B 276 23.25 -18.92 4.41
CA PHE B 276 23.47 -17.48 4.42
C PHE B 276 23.96 -17.01 5.79
N LEU B 277 23.24 -17.42 6.85
CA LEU B 277 23.56 -16.97 8.20
C LEU B 277 25.02 -17.27 8.52
N ASN B 278 25.44 -18.51 8.30
CA ASN B 278 26.77 -18.94 8.69
C ASN B 278 27.81 -18.24 7.83
N ASN B 279 27.56 -18.08 6.53
CA ASN B 279 28.45 -17.30 5.70
C ASN B 279 28.56 -15.86 6.19
N PHE B 280 27.43 -15.24 6.56
CA PHE B 280 27.43 -13.83 6.93
C PHE B 280 28.25 -13.61 8.19
N TRP B 281 28.10 -14.52 9.17
CA TRP B 281 28.80 -14.43 10.45
C TRP B 281 30.17 -15.13 10.43
N ASN B 282 30.62 -15.60 9.26
CA ASN B 282 31.96 -16.13 9.08
C ASN B 282 32.17 -17.34 10.00
N LYS B 283 31.21 -18.27 9.94
CA LYS B 283 31.19 -19.48 10.74
C LYS B 283 31.32 -20.66 9.79
N GLU B 284 31.66 -21.82 10.36
CA GLU B 284 31.82 -23.05 9.60
C GLU B 284 30.44 -23.39 9.05
N ASN B 285 30.38 -23.81 7.78
CA ASN B 285 29.14 -23.79 7.02
C ASN B 285 28.81 -25.16 6.43
N PRO B 286 28.02 -26.00 7.15
CA PRO B 286 27.63 -27.32 6.61
C PRO B 286 26.45 -27.35 5.66
N TRP B 287 25.83 -26.19 5.39
CA TRP B 287 24.55 -26.15 4.72
C TRP B 287 24.68 -25.88 3.24
N ILE B 288 25.90 -25.70 2.70
CA ILE B 288 26.11 -25.27 1.33
C ILE B 288 25.86 -26.43 0.38
N ASN B 289 25.13 -26.11 -0.69
CA ASN B 289 24.84 -27.02 -1.78
C ASN B 289 25.79 -26.67 -2.95
N TYR B 290 26.87 -27.46 -3.07
CA TYR B 290 27.86 -27.32 -4.13
C TYR B 290 27.31 -27.84 -5.47
N ASP B 291 26.30 -28.72 -5.42
CA ASP B 291 25.73 -29.35 -6.60
C ASP B 291 24.77 -28.42 -7.34
N SER B 292 23.92 -27.69 -6.62
CA SER B 292 22.87 -26.84 -7.19
C SER B 292 23.46 -25.79 -8.14
N ASN B 293 22.78 -25.59 -9.27
CA ASN B 293 23.11 -24.55 -10.24
C ASN B 293 22.29 -23.29 -10.03
N ALA B 294 21.26 -23.34 -9.16
CA ALA B 294 20.48 -22.17 -8.80
C ALA B 294 21.38 -21.06 -8.24
N VAL B 295 20.98 -19.81 -8.56
CA VAL B 295 21.77 -18.63 -8.32
C VAL B 295 22.01 -18.48 -6.82
N THR B 296 20.98 -18.54 -5.97
CA THR B 296 21.19 -18.31 -4.55
C THR B 296 22.12 -19.36 -3.94
N ASP B 297 22.11 -20.63 -4.41
CA ASP B 297 23.03 -21.65 -3.89
C ASP B 297 24.48 -21.37 -4.30
N VAL B 298 24.70 -21.03 -5.59
CA VAL B 298 26.03 -20.70 -6.08
C VAL B 298 26.58 -19.44 -5.39
N GLN B 299 25.69 -18.53 -4.98
CA GLN B 299 26.10 -17.34 -4.23
C GLN B 299 26.68 -17.69 -2.87
N GLU B 300 26.08 -18.67 -2.20
CA GLU B 300 26.57 -19.14 -0.92
C GLU B 300 27.94 -19.81 -1.08
N VAL B 301 28.17 -20.51 -2.20
CA VAL B 301 29.48 -21.10 -2.49
C VAL B 301 30.51 -19.98 -2.56
N ILE B 302 30.21 -18.95 -3.36
CA ILE B 302 31.05 -17.76 -3.52
C ILE B 302 31.36 -17.11 -2.17
N PHE B 303 30.33 -16.94 -1.33
CA PHE B 303 30.51 -16.23 -0.06
C PHE B 303 31.47 -17.00 0.82
N GLU B 304 31.34 -18.33 0.85
CA GLU B 304 32.26 -19.18 1.57
C GLU B 304 33.68 -18.99 1.05
N LEU B 305 33.86 -19.01 -0.27
CA LEU B 305 35.18 -18.81 -0.84
C LEU B 305 35.80 -17.50 -0.38
N ILE B 306 34.97 -16.45 -0.26
CA ILE B 306 35.41 -15.13 0.20
C ILE B 306 35.87 -15.22 1.65
N ASN B 307 35.08 -15.90 2.51
CA ASN B 307 35.46 -16.17 3.89
C ASN B 307 36.75 -16.97 3.99
N GLN B 308 36.98 -17.94 3.08
CA GLN B 308 38.22 -18.71 3.07
C GLN B 308 39.37 -17.98 2.38
N LYS B 309 39.12 -16.78 1.84
CA LYS B 309 40.13 -15.90 1.25
C LYS B 309 40.64 -16.48 -0.07
N LYS B 310 39.79 -17.22 -0.78
CA LYS B 310 40.11 -17.73 -2.10
C LYS B 310 39.42 -16.80 -3.08
N LEU B 311 39.91 -15.56 -3.15
CA LEU B 311 39.27 -14.49 -3.89
C LEU B 311 39.34 -14.74 -5.40
N GLU B 312 40.41 -15.40 -5.89
CA GLU B 312 40.57 -15.70 -7.30
C GLU B 312 39.44 -16.60 -7.82
N ARG B 313 39.15 -17.69 -7.09
CA ARG B 313 38.11 -18.63 -7.50
C ARG B 313 36.73 -18.02 -7.31
N ALA B 314 36.57 -17.24 -6.23
CA ALA B 314 35.34 -16.52 -5.92
C ALA B 314 34.93 -15.62 -7.07
N LEU B 315 35.90 -14.87 -7.61
CA LEU B 315 35.69 -13.99 -8.73
C LEU B 315 35.27 -14.76 -9.98
N THR B 316 35.99 -15.84 -10.34
CA THR B 316 35.70 -16.59 -11.56
C THR B 316 34.29 -17.18 -11.50
N LEU B 317 33.89 -17.64 -10.31
CA LEU B 317 32.58 -18.24 -10.12
C LEU B 317 31.51 -17.15 -10.14
N LEU B 318 31.80 -16.00 -9.52
CA LEU B 318 30.92 -14.83 -9.57
C LEU B 318 30.77 -14.35 -11.01
N LYS B 319 31.89 -14.27 -11.75
CA LYS B 319 31.89 -13.85 -13.15
C LYS B 319 31.00 -14.75 -14.02
N SER B 320 30.86 -16.05 -13.70
CA SER B 320 30.05 -16.95 -14.50
C SER B 320 28.56 -16.83 -14.17
N LEU B 321 28.22 -16.46 -12.91
CA LEU B 321 26.84 -16.12 -12.54
C LEU B 321 26.32 -14.92 -13.34
N GLU B 322 27.21 -14.02 -13.79
CA GLU B 322 26.82 -12.85 -14.57
C GLU B 322 26.08 -13.21 -15.86
N ARG B 323 26.20 -14.45 -16.36
CA ARG B 323 25.46 -14.90 -17.52
C ARG B 323 24.30 -15.82 -17.18
N LYS B 324 23.69 -15.66 -16.00
CA LYS B 324 22.61 -16.50 -15.50
C LYS B 324 21.41 -15.61 -15.21
N LYS B 325 20.18 -15.99 -15.63
CA LYS B 325 18.95 -15.36 -15.18
C LYS B 325 18.97 -15.16 -13.67
N GLN B 326 18.55 -13.95 -13.26
CA GLN B 326 18.72 -13.33 -11.96
C GLN B 326 17.68 -12.21 -11.87
N ASN B 327 16.97 -12.12 -10.74
CA ASN B 327 16.06 -11.03 -10.47
C ASN B 327 16.86 -9.92 -9.78
N GLU B 328 16.20 -8.79 -9.50
CA GLU B 328 16.85 -7.63 -8.91
C GLU B 328 17.41 -7.96 -7.53
N ASN B 329 16.66 -8.74 -6.74
CA ASN B 329 17.10 -9.13 -5.41
C ASN B 329 18.37 -9.98 -5.46
N ASP B 330 18.50 -10.81 -6.50
CA ASP B 330 19.70 -11.59 -6.70
C ASP B 330 20.85 -10.66 -7.05
N LEU B 331 20.59 -9.57 -7.80
CA LEU B 331 21.63 -8.59 -8.13
C LEU B 331 22.13 -7.84 -6.90
N GLY B 332 21.24 -7.62 -5.93
CA GLY B 332 21.67 -7.14 -4.63
C GLY B 332 22.81 -7.98 -4.04
N PHE B 333 22.57 -9.29 -3.89
CA PHE B 333 23.53 -10.20 -3.27
CA PHE B 333 23.54 -10.18 -3.27
C PHE B 333 24.77 -10.25 -4.15
N HIS B 334 24.57 -10.36 -5.47
CA HIS B 334 25.66 -10.42 -6.43
C HIS B 334 26.64 -9.27 -6.25
N TYR B 335 26.16 -8.03 -6.30
CA TYR B 335 27.08 -6.88 -6.25
C TYR B 335 27.66 -6.73 -4.86
N TYR B 336 26.97 -7.17 -3.81
CA TYR B 336 27.58 -7.21 -2.48
C TYR B 336 28.80 -8.12 -2.47
N LEU B 337 28.69 -9.31 -3.07
CA LEU B 337 29.79 -10.29 -3.09
C LEU B 337 30.94 -9.75 -3.94
N GLU B 338 30.63 -9.09 -5.05
CA GLU B 338 31.65 -8.47 -5.89
C GLU B 338 32.38 -7.41 -5.08
N GLY B 339 31.63 -6.61 -4.33
CA GLY B 339 32.19 -5.66 -3.38
C GLY B 339 33.11 -6.32 -2.36
N LEU B 340 32.68 -7.43 -1.75
CA LEU B 340 33.52 -8.10 -0.77
C LEU B 340 34.87 -8.51 -1.36
N ILE B 341 34.90 -8.86 -2.65
CA ILE B 341 36.11 -9.27 -3.35
C ILE B 341 36.96 -8.04 -3.71
N THR B 342 36.41 -7.12 -4.51
CA THR B 342 37.17 -6.01 -5.09
C THR B 342 37.37 -4.87 -4.07
N ASN B 343 36.49 -4.79 -3.07
CA ASN B 343 36.37 -3.70 -2.10
C ASN B 343 36.15 -2.33 -2.75
N ASP B 344 35.54 -2.32 -3.94
CA ASP B 344 35.18 -1.13 -4.69
C ASP B 344 33.80 -0.65 -4.20
N LYS B 345 33.73 0.61 -3.77
CA LYS B 345 32.49 1.23 -3.30
C LYS B 345 31.35 1.07 -4.32
N GLU B 346 31.68 1.22 -5.61
CA GLU B 346 30.71 1.16 -6.70
C GLU B 346 29.87 -0.12 -6.63
N ALA B 347 30.52 -1.27 -6.35
CA ALA B 347 29.80 -2.52 -6.19
C ALA B 347 28.77 -2.45 -5.06
N PHE B 348 29.16 -1.87 -3.92
CA PHE B 348 28.25 -1.69 -2.80
C PHE B 348 27.13 -0.71 -3.14
N TYR B 349 27.42 0.36 -3.89
CA TYR B 349 26.37 1.28 -4.28
C TYR B 349 25.33 0.54 -5.13
N LYS B 350 25.80 -0.23 -6.12
CA LYS B 350 24.92 -1.01 -6.98
C LYS B 350 24.08 -2.00 -6.15
N SER B 351 24.70 -2.62 -5.16
CA SER B 351 24.03 -3.56 -4.28
C SER B 351 22.86 -2.89 -3.57
N VAL B 352 23.08 -1.70 -3.02
CA VAL B 352 22.04 -0.90 -2.39
C VAL B 352 20.91 -0.62 -3.39
N GLU B 353 21.26 -0.20 -4.61
CA GLU B 353 20.27 0.18 -5.60
C GLU B 353 19.37 -1.00 -5.95
N TYR B 354 19.96 -2.19 -6.14
CA TYR B 354 19.17 -3.36 -6.52
C TYR B 354 18.31 -3.84 -5.36
N PHE B 355 18.81 -3.79 -4.13
CA PHE B 355 17.97 -4.06 -2.98
C PHE B 355 16.83 -3.03 -2.88
N LYS B 356 17.09 -1.75 -3.20
CA LYS B 356 16.05 -0.74 -3.15
C LYS B 356 15.01 -1.00 -4.26
N LEU B 357 15.44 -1.37 -5.48
CA LEU B 357 14.51 -1.67 -6.57
C LEU B 357 13.63 -2.89 -6.27
N SER B 358 14.15 -3.91 -5.63
CA SER B 358 13.37 -5.07 -5.22
C SER B 358 12.65 -4.86 -3.90
N GLN B 359 12.76 -3.68 -3.25
CA GLN B 359 12.02 -3.33 -2.04
C GLN B 359 12.31 -4.31 -0.90
N ASP B 360 13.59 -4.65 -0.76
CA ASP B 360 14.08 -5.49 0.31
C ASP B 360 14.67 -4.56 1.35
N LYS B 361 13.85 -4.23 2.37
CA LYS B 361 14.30 -3.36 3.45
C LYS B 361 15.17 -4.11 4.45
N LEU B 362 15.34 -5.43 4.27
CA LEU B 362 16.06 -6.27 5.23
C LEU B 362 17.52 -6.43 4.81
N PHE B 363 17.76 -6.91 3.60
CA PHE B 363 19.10 -7.28 3.18
C PHE B 363 19.90 -6.07 2.67
N ILE B 364 19.19 -4.96 2.38
CA ILE B 364 19.83 -3.69 2.04
C ILE B 364 20.83 -3.27 3.11
N LYS B 365 20.60 -3.70 4.34
CA LYS B 365 21.50 -3.36 5.45
C LYS B 365 22.90 -3.95 5.22
N MET B 366 22.97 -5.00 4.42
CA MET B 366 24.23 -5.65 4.12
C MET B 366 25.22 -4.69 3.48
N PRO B 367 24.77 -4.00 2.42
CA PRO B 367 25.60 -3.02 1.70
C PRO B 367 25.81 -1.74 2.51
N LEU B 368 24.81 -1.38 3.31
CA LEU B 368 24.89 -0.18 4.13
C LEU B 368 26.01 -0.29 5.16
N ILE B 369 26.02 -1.38 5.91
CA ILE B 369 27.04 -1.62 6.92
C ILE B 369 28.44 -1.49 6.31
N LYS B 370 28.65 -2.09 5.13
CA LYS B 370 29.97 -2.04 4.50
C LYS B 370 30.37 -0.62 4.12
N LEU B 371 29.42 0.16 3.59
CA LEU B 371 29.68 1.56 3.26
C LEU B 371 29.98 2.38 4.52
N GLU B 372 29.34 2.07 5.66
CA GLU B 372 29.66 2.72 6.93
C GLU B 372 31.13 2.50 7.30
N SER B 373 31.56 1.23 7.27
CA SER B 373 32.95 0.82 7.49
C SER B 373 33.91 1.54 6.57
N LEU B 374 33.51 1.84 5.32
CA LEU B 374 34.37 2.58 4.39
C LEU B 374 34.23 4.09 4.55
N GLY B 375 33.63 4.56 5.66
CA GLY B 375 33.65 5.97 6.02
C GLY B 375 32.62 6.83 5.29
N GLU B 376 31.48 6.23 4.86
CA GLU B 376 30.39 6.98 4.26
C GLU B 376 29.47 7.51 5.35
N ASN B 377 28.81 8.63 5.02
CA ASN B 377 27.99 9.41 5.95
C ASN B 377 26.95 8.51 6.63
N PRO B 378 27.04 8.24 7.95
CA PRO B 378 26.05 7.38 8.62
C PRO B 378 24.60 7.90 8.55
N ARG B 379 24.41 9.23 8.43
CA ARG B 379 23.07 9.78 8.40
C ARG B 379 22.41 9.46 7.06
N LEU B 380 23.16 9.56 5.96
CA LEU B 380 22.60 9.25 4.66
C LEU B 380 22.27 7.77 4.56
N LEU B 381 23.09 6.89 5.16
CA LEU B 381 22.89 5.45 5.12
C LEU B 381 21.66 5.05 5.95
N LYS B 382 21.49 5.67 7.12
CA LYS B 382 20.28 5.49 7.93
C LYS B 382 19.04 5.90 7.14
N ILE B 383 19.10 7.04 6.43
CA ILE B 383 17.95 7.50 5.64
C ILE B 383 17.63 6.50 4.52
N ILE B 384 18.64 5.90 3.89
CA ILE B 384 18.41 4.91 2.83
C ILE B 384 17.68 3.69 3.38
N SER B 385 17.97 3.28 4.62
CA SER B 385 17.38 2.09 5.20
C SER B 385 15.98 2.35 5.78
N MET B 386 15.51 3.62 5.88
CA MET B 386 14.12 3.96 6.21
C MET B 386 13.16 3.35 5.17
P PO4 C . -32.84 24.44 -15.78
O1 PO4 C . -31.85 23.31 -15.55
O2 PO4 C . -32.31 25.39 -16.85
O3 PO4 C . -34.16 23.86 -16.27
O4 PO4 C . -33.09 25.18 -14.44
#